data_2HXF
#
_entry.id   2HXF
#
_cell.length_a   1.00
_cell.length_b   1.00
_cell.length_c   1.00
_cell.angle_alpha   90.00
_cell.angle_beta   90.00
_cell.angle_gamma   90.00
#
_symmetry.space_group_name_H-M   'P 1'
#
loop_
_entity.id
_entity.type
_entity.pdbx_description
1 polymer 'Tubulin alpha chain'
2 polymer 'Tubulin beta chain'
3 polymer 'Kinesin-like protein KIF1A'
4 non-polymer 'MAGNESIUM ION'
5 non-polymer "GUANOSINE-5'-TRIPHOSPHATE"
6 non-polymer "GUANOSINE-5'-DIPHOSPHATE"
7 non-polymer TAXOL
8 non-polymer 'PHOSPHOAMINOPHOSPHONIC ACID-ADENYLATE ESTER'
#
loop_
_entity_poly.entity_id
_entity_poly.type
_entity_poly.pdbx_seq_one_letter_code
_entity_poly.pdbx_strand_id
1 'polypeptide(L)'
;MRECISIHVGQAGVQIGNACWELYCLEHGIQPDGQMPSDKTIGGGDDSFNTFFSETGAGKHVPRAVFVDLEPTVIDEVRT
GTYRQLFHPEQLITGKEDAANNYARGHYTIGKEIIDLVLDRIRKLADQCTGLQGFSVFHSFGGGTGSGFTSLLMERLSVD
YGKKSKLEFSIYPAPQVSTAVVEPYNSILTTHTTLEHSDCAFMVDNEAIYDICRRNLDIERPTYTNLNRLIGQIVSSITA
SLRFDGALNVDLTEFQTNLVPYPRAHFPLATYAPVISAEKAYHEQLSVAEITNACFEPANQMVKCDPRHGKYMACCLLYR
GDVVPKDVNAAIATIKTKRTIQFVDWCPTGFKVGINYEPPTVVPGGDLAKVQRAVCMLSNTTAIAEAWARLDHKFDLMYA
KRAFVHWYVGEGMEEGEFSEAREDMAALEKDYEEVGVDSVEGEGEEEGEEY
;
A
2 'polypeptide(L)'
;MREIVHIQAGQCGNQIGAKFWEVISDEHGIDPTGSYHGDSDLQLERINVYYNEAAGNKYVPRAILVDLEPGTMDSVRSGP
FGQIFRPDNFVFGQSGAGNNWAKGHYTEGAELVDSVLDVVRKESESCDCLQGFQLTHSLGGGTGSGMGTLLISKIREEYP
DRIMNTFSVVPSPKVSDTVVEPYNATLSVHQLVENTDETYCIDNEALYDICFRTLKLTTPTYGDLNHLVSATMSGVTTCL
RFPGQLNADLRKLAVNMVPFPRLHFFMPGFAPLTSRGSQQYRALTVPELTQQMFDAKNMMAACDPRHGRYLTVAAVFRGR
MSMKEVDEQMLNVQNKNSSYFVEWIPNNVKTAVCDIPPRGLKMSATFIGNSTAIQELFKRISEQFTAMFRRKAFLHWYTG
EGMDEMEFTEAESNMNDLVSEYQQYQDATADEQGEFEEEGEEDEA
;
B
3 'polypeptide(L)'
;MASMTGGQQMGRDPINMPGASVKVAVRVRPFNSREMSRDSKCIIQMSGSTTTIVNPKQPKETPKSFSFDYSYWSHTSPED
INYASQKQVYRDIGEEMLQHAFEGYNVCIFAYGQTGAGKSYTMMGKQEKDQQGIIPQLCEDLFSRINDTTNDNMSYSVEV
SYMEIYCERVRDLLNPKNKGNLRVREHPLLGPYVEDLSKLAVTSYNDIQDLMDSGNKARTVAATNMNETSSRSHAVFNII
FTQKRHDAETNITTEKVSKISLVDLAGSERADSTGAKGTRLKEGANINKSLTTLGKVISALAEMDSGPNKNKKKKKTDFI
PYRDSVLTWLLRENLGGNSRTAMVAALSPADINYDETLSTLRYADRAKQIRNTVSVNLELTAEEWKKKHHHHHH
;
C
#
loop_
_chem_comp.id
_chem_comp.type
_chem_comp.name
_chem_comp.formula
ANP non-polymer 'PHOSPHOAMINOPHOSPHONIC ACID-ADENYLATE ESTER' 'C10 H17 N6 O12 P3'
GDP RNA linking GUANOSINE-5'-DIPHOSPHATE 'C10 H15 N5 O11 P2'
GTP non-polymer GUANOSINE-5'-TRIPHOSPHATE 'C10 H16 N5 O14 P3'
MG non-polymer 'MAGNESIUM ION' 'Mg 2'
TA1 non-polymer TAXOL 'C47 H51 N O14'
#
# COMPACT_ATOMS: atom_id res chain seq x y z
N ARG A 2 -9.48 39.04 6.42
CA ARG A 2 -10.42 39.29 5.30
C ARG A 2 -10.39 38.19 4.24
N GLU A 3 -9.19 37.80 3.81
CA GLU A 3 -9.08 36.77 2.78
C GLU A 3 -9.07 35.37 3.35
N CYS A 4 -8.90 34.39 2.46
CA CYS A 4 -8.87 32.98 2.81
C CYS A 4 -8.08 32.23 1.75
N ILE A 5 -6.82 31.91 2.04
CA ILE A 5 -6.01 31.17 1.07
C ILE A 5 -6.65 29.79 0.87
N SER A 6 -6.17 29.07 -0.13
CA SER A 6 -6.68 27.75 -0.43
C SER A 6 -5.57 26.85 -0.95
N ILE A 7 -5.52 25.65 -0.42
CA ILE A 7 -4.51 24.68 -0.81
C ILE A 7 -5.18 23.43 -1.36
N HIS A 8 -5.17 23.31 -2.68
CA HIS A 8 -5.78 22.18 -3.34
C HIS A 8 -4.78 21.03 -3.40
N VAL A 9 -4.99 20.03 -2.56
CA VAL A 9 -4.07 18.90 -2.49
C VAL A 9 -4.63 17.58 -3.05
N GLY A 10 -3.79 16.90 -3.83
CA GLY A 10 -4.16 15.64 -4.44
C GLY A 10 -4.72 15.88 -5.84
N GLN A 11 -4.45 14.98 -6.78
CA GLN A 11 -4.99 15.18 -8.12
C GLN A 11 -6.40 15.68 -8.03
N ALA A 12 -7.26 14.92 -7.36
CA ALA A 12 -8.66 15.30 -7.23
C ALA A 12 -8.82 16.72 -6.72
N GLY A 13 -8.30 16.98 -5.53
CA GLY A 13 -8.40 18.32 -4.94
C GLY A 13 -7.94 19.38 -5.90
N VAL A 14 -7.20 18.95 -6.92
CA VAL A 14 -6.66 19.82 -7.94
C VAL A 14 -7.63 19.94 -9.11
N GLN A 15 -8.31 18.84 -9.44
CA GLN A 15 -9.29 18.82 -10.53
C GLN A 15 -10.47 19.67 -10.07
N ILE A 16 -10.91 19.39 -8.86
CA ILE A 16 -11.99 20.13 -8.23
C ILE A 16 -11.51 21.57 -8.13
N GLY A 17 -10.23 21.72 -7.85
CA GLY A 17 -9.64 23.03 -7.73
C GLY A 17 -9.76 23.80 -9.03
N ASN A 18 -9.30 23.19 -10.11
CA ASN A 18 -9.36 23.85 -11.41
C ASN A 18 -10.80 24.27 -11.68
N ALA A 19 -11.74 23.45 -11.22
CA ALA A 19 -13.17 23.70 -11.41
C ALA A 19 -13.70 24.87 -10.58
N CYS A 20 -13.54 24.78 -9.27
CA CYS A 20 -13.96 25.83 -8.37
C CYS A 20 -13.24 27.09 -8.79
N TRP A 21 -12.01 26.93 -9.24
CA TRP A 21 -11.25 28.08 -9.67
C TRP A 21 -11.78 28.64 -10.95
N GLU A 22 -12.42 27.81 -11.75
CA GLU A 22 -12.99 28.25 -13.00
C GLU A 22 -14.22 29.09 -12.68
N LEU A 23 -15.22 28.46 -12.08
CA LEU A 23 -16.44 29.16 -11.74
C LEU A 23 -16.11 30.56 -11.26
N TYR A 24 -15.03 30.70 -10.50
CA TYR A 24 -14.66 32.01 -9.98
C TYR A 24 -14.58 33.13 -10.99
N CYS A 25 -13.46 33.19 -11.72
CA CYS A 25 -13.29 34.24 -12.71
C CYS A 25 -14.56 34.42 -13.52
N LEU A 26 -15.20 33.30 -13.82
CA LEU A 26 -16.42 33.27 -14.60
C LEU A 26 -17.51 34.22 -14.10
N GLU A 27 -17.56 34.41 -12.78
CA GLU A 27 -18.55 35.28 -12.17
C GLU A 27 -17.91 36.53 -11.58
N HIS A 28 -16.70 36.83 -12.06
CA HIS A 28 -15.97 38.01 -11.61
C HIS A 28 -15.37 38.77 -12.79
N GLY A 29 -15.78 38.36 -14.00
CA GLY A 29 -15.32 39.01 -15.23
C GLY A 29 -13.83 39.09 -15.45
N ILE A 30 -13.11 38.07 -15.00
CA ILE A 30 -11.66 38.04 -15.14
C ILE A 30 -11.30 36.81 -16.01
N GLN A 31 -11.28 37.02 -17.31
CA GLN A 31 -10.96 36.02 -18.33
C GLN A 31 -9.61 35.34 -18.07
N PRO A 32 -9.23 34.39 -18.98
CA PRO A 32 -7.97 33.62 -18.88
C PRO A 32 -6.82 34.33 -18.22
N ASP A 33 -6.46 35.47 -18.81
CA ASP A 33 -5.38 36.30 -18.36
C ASP A 33 -5.88 37.66 -17.88
N GLY A 34 -6.08 37.80 -16.57
CA GLY A 34 -6.55 39.07 -16.02
C GLY A 34 -5.53 39.76 -15.13
N HIS A 61 -6.24 38.48 -12.88
CA HIS A 61 -5.40 39.22 -11.94
C HIS A 61 -4.31 38.27 -11.46
N VAL A 62 -4.55 37.65 -10.31
CA VAL A 62 -3.65 36.70 -9.68
C VAL A 62 -4.50 35.90 -8.68
N PRO A 63 -4.40 34.57 -8.73
CA PRO A 63 -5.18 33.74 -7.79
C PRO A 63 -4.84 34.06 -6.35
N ARG A 64 -5.02 33.08 -5.47
CA ARG A 64 -4.71 33.29 -4.06
C ARG A 64 -4.69 31.92 -3.43
N ALA A 65 -4.05 30.96 -4.09
CA ALA A 65 -4.00 29.60 -3.60
C ALA A 65 -2.78 28.86 -4.11
N VAL A 66 -2.72 27.57 -3.82
CA VAL A 66 -1.62 26.76 -4.29
C VAL A 66 -2.09 25.37 -4.72
N PHE A 67 -1.22 24.64 -5.41
CA PHE A 67 -1.54 23.31 -5.90
C PHE A 67 -0.45 22.28 -5.58
N VAL A 68 -0.81 21.26 -4.80
CA VAL A 68 0.14 20.22 -4.40
C VAL A 68 -0.19 18.82 -4.91
N ASP A 69 0.82 18.11 -5.36
CA ASP A 69 0.67 16.74 -5.87
C ASP A 69 2.04 16.09 -6.05
N LEU A 70 2.09 14.78 -5.81
CA LEU A 70 3.32 14.02 -5.93
C LEU A 70 3.34 13.26 -7.26
N GLU A 71 2.43 13.64 -8.16
CA GLU A 71 2.35 13.07 -9.49
C GLU A 71 2.32 14.31 -10.38
N PRO A 72 3.41 14.58 -11.08
CA PRO A 72 3.48 15.75 -11.94
C PRO A 72 2.39 15.88 -12.99
N THR A 73 2.20 14.84 -13.80
CA THR A 73 1.22 14.87 -14.86
C THR A 73 -0.14 15.54 -14.57
N VAL A 74 -0.58 15.55 -13.32
CA VAL A 74 -1.88 16.16 -12.99
C VAL A 74 -1.88 17.68 -12.80
N ILE A 75 -0.89 18.18 -12.08
CA ILE A 75 -0.74 19.61 -11.83
C ILE A 75 -0.33 20.18 -13.17
N ASP A 76 0.29 19.32 -13.99
CA ASP A 76 0.71 19.71 -15.32
C ASP A 76 -0.56 20.10 -16.09
N GLU A 77 -1.66 19.40 -15.83
CA GLU A 77 -2.92 19.69 -16.52
C GLU A 77 -3.36 21.11 -16.28
N VAL A 78 -2.85 21.70 -15.20
CA VAL A 78 -3.18 23.08 -14.88
C VAL A 78 -2.12 23.92 -15.52
N ARG A 79 -1.03 23.27 -15.91
CA ARG A 79 0.10 23.90 -16.58
C ARG A 79 -0.02 23.80 -18.10
N THR A 80 -0.86 22.89 -18.57
CA THR A 80 -1.04 22.67 -20.01
C THR A 80 -2.42 23.15 -20.46
N GLY A 81 -3.47 22.70 -19.75
CA GLY A 81 -4.82 23.06 -20.11
C GLY A 81 -5.28 24.48 -19.81
N THR A 82 -6.59 24.65 -19.74
CA THR A 82 -7.20 25.95 -19.49
C THR A 82 -6.66 26.57 -18.21
N TYR A 83 -6.92 27.86 -18.01
CA TYR A 83 -6.45 28.59 -16.85
C TYR A 83 -4.98 28.29 -16.62
N ARG A 84 -4.26 28.30 -17.74
CA ARG A 84 -2.82 28.01 -17.77
C ARG A 84 -1.96 29.15 -17.19
N GLN A 85 -2.16 30.36 -17.71
CA GLN A 85 -1.38 31.52 -17.27
C GLN A 85 -2.00 32.35 -16.15
N LEU A 86 -3.07 31.84 -15.55
CA LEU A 86 -3.70 32.57 -14.46
C LEU A 86 -3.03 32.19 -13.15
N PHE A 87 -2.00 31.37 -13.23
CA PHE A 87 -1.27 30.94 -12.04
C PHE A 87 0.21 31.21 -12.16
N HIS A 88 0.86 31.23 -11.00
CA HIS A 88 2.30 31.44 -10.92
C HIS A 88 2.93 30.10 -10.72
N PRO A 89 3.88 29.75 -11.58
CA PRO A 89 4.56 28.45 -11.44
C PRO A 89 5.10 28.27 -10.03
N GLU A 90 4.81 29.25 -9.18
CA GLU A 90 5.26 29.24 -7.80
C GLU A 90 4.19 28.65 -6.88
N GLN A 91 2.92 28.80 -7.26
CA GLN A 91 1.80 28.28 -6.47
C GLN A 91 1.35 26.94 -7.03
N LEU A 92 2.26 26.32 -7.78
CA LEU A 92 2.04 25.01 -8.38
C LEU A 92 3.18 24.09 -7.95
N ILE A 93 2.98 23.39 -6.83
CA ILE A 93 4.00 22.49 -6.30
C ILE A 93 3.80 21.06 -6.81
N THR A 94 4.91 20.43 -7.19
CA THR A 94 4.90 19.06 -7.70
C THR A 94 6.13 18.29 -7.21
N GLY A 95 5.96 16.98 -7.09
CA GLY A 95 7.07 16.13 -6.67
C GLY A 95 7.16 15.03 -7.71
N LYS A 96 7.82 15.34 -8.83
CA LYS A 96 8.02 14.41 -9.95
C LYS A 96 8.02 12.94 -9.54
N GLU A 97 8.41 12.71 -8.30
CA GLU A 97 8.49 11.38 -7.74
C GLU A 97 7.24 10.54 -7.91
N ASP A 98 6.80 9.92 -6.83
CA ASP A 98 5.65 9.04 -6.92
C ASP A 98 4.49 9.39 -5.99
N ALA A 99 3.29 9.27 -6.50
CA ALA A 99 2.09 9.56 -5.74
C ALA A 99 1.83 8.50 -4.64
N ALA A 100 1.50 7.29 -5.10
CA ALA A 100 1.26 6.15 -4.21
C ALA A 100 -0.07 6.25 -3.52
N ASN A 101 -0.99 5.38 -3.85
CA ASN A 101 -2.29 5.47 -3.22
C ASN A 101 -2.28 5.01 -1.79
N ASN A 102 -1.26 5.44 -1.07
CA ASN A 102 -1.14 5.07 0.31
C ASN A 102 -0.69 6.22 1.20
N TYR A 103 -1.53 6.45 2.21
CA TYR A 103 -1.34 7.47 3.22
C TYR A 103 0.15 7.56 3.59
N ALA A 104 0.58 6.64 4.43
CA ALA A 104 1.97 6.56 4.88
C ALA A 104 2.97 7.25 3.98
N ARG A 105 3.19 6.67 2.82
CA ARG A 105 4.12 7.20 1.84
C ARG A 105 3.87 8.67 1.58
N GLY A 106 2.63 9.04 1.34
CA GLY A 106 2.35 10.43 1.08
C GLY A 106 2.53 11.35 2.27
N HIS A 107 2.21 10.86 3.47
CA HIS A 107 2.35 11.66 4.67
C HIS A 107 3.81 11.66 5.08
N TYR A 108 4.27 10.50 5.55
CA TYR A 108 5.65 10.31 6.01
C TYR A 108 6.63 10.32 4.84
N THR A 109 7.30 9.20 4.63
CA THR A 109 8.29 9.02 3.55
C THR A 109 8.34 10.10 2.47
N ILE A 110 7.65 9.91 1.37
CA ILE A 110 7.74 10.89 0.30
C ILE A 110 7.13 12.25 0.62
N GLY A 111 5.81 12.32 0.71
CA GLY A 111 5.16 13.59 1.00
C GLY A 111 5.95 14.56 1.85
N LYS A 112 6.76 14.04 2.77
CA LYS A 112 7.56 14.87 3.66
C LYS A 112 8.45 15.85 2.91
N GLU A 113 9.31 15.30 2.06
CA GLU A 113 10.23 16.11 1.27
C GLU A 113 9.68 17.42 0.70
N ILE A 114 8.44 17.38 0.25
CA ILE A 114 7.81 18.54 -0.37
C ILE A 114 7.23 19.57 0.61
N ILE A 115 6.59 19.08 1.66
CA ILE A 115 5.94 19.90 2.67
C ILE A 115 6.60 21.25 2.93
N ASP A 116 7.86 21.26 3.36
CA ASP A 116 8.57 22.51 3.61
C ASP A 116 8.16 23.47 2.50
N LEU A 117 8.69 23.19 1.31
CA LEU A 117 8.42 23.96 0.12
C LEU A 117 6.95 24.34 0.05
N VAL A 118 6.06 23.36 0.23
CA VAL A 118 4.63 23.62 0.20
C VAL A 118 4.34 24.76 1.15
N LEU A 119 4.60 24.52 2.44
CA LEU A 119 4.39 25.52 3.47
C LEU A 119 4.88 26.87 3.00
N ASP A 120 6.14 26.93 2.64
CA ASP A 120 6.75 28.16 2.18
C ASP A 120 5.80 29.04 1.39
N ARG A 121 5.03 28.45 0.49
CA ARG A 121 4.09 29.25 -0.30
C ARG A 121 2.92 29.74 0.55
N ILE A 122 2.40 28.88 1.41
CA ILE A 122 1.28 29.25 2.25
C ILE A 122 1.75 30.12 3.42
N ARG A 123 3.01 30.56 3.33
CA ARG A 123 3.63 31.44 4.31
C ARG A 123 4.12 32.66 3.53
N LYS A 124 4.34 32.45 2.23
CA LYS A 124 4.79 33.50 1.33
C LYS A 124 3.55 34.17 0.75
N LEU A 125 2.49 33.38 0.58
CA LEU A 125 1.21 33.87 0.04
C LEU A 125 0.37 34.39 1.21
N ALA A 126 0.68 33.90 2.41
CA ALA A 126 -0.04 34.30 3.61
C ALA A 126 0.45 35.63 4.16
N ASP A 127 1.66 36.01 3.74
CA ASP A 127 2.27 37.24 4.16
C ASP A 127 1.82 38.40 3.30
N GLN A 128 2.02 38.24 1.99
CA GLN A 128 1.66 39.24 1.00
C GLN A 128 0.31 39.92 1.22
N CYS A 129 -0.68 39.18 1.71
CA CYS A 129 -2.02 39.69 1.95
C CYS A 129 -2.18 40.75 3.05
N THR A 130 -3.43 40.98 3.47
CA THR A 130 -3.76 41.94 4.53
C THR A 130 -4.75 41.31 5.50
N GLY A 131 -4.30 41.01 6.71
CA GLY A 131 -5.17 40.39 7.70
C GLY A 131 -6.08 39.36 7.07
N LEU A 132 -5.60 38.12 6.94
CA LEU A 132 -6.38 37.04 6.35
C LEU A 132 -7.29 36.39 7.39
N GLN A 133 -8.03 35.37 6.97
CA GLN A 133 -8.94 34.68 7.87
C GLN A 133 -8.67 33.17 7.94
N GLY A 134 -8.04 32.63 6.91
CA GLY A 134 -7.76 31.21 6.91
C GLY A 134 -7.45 30.62 5.55
N PHE A 135 -7.32 29.29 5.52
CA PHE A 135 -7.02 28.56 4.29
C PHE A 135 -8.05 27.51 3.92
N SER A 136 -8.76 27.72 2.82
CA SER A 136 -9.74 26.76 2.38
C SER A 136 -8.91 25.67 1.71
N VAL A 137 -8.80 24.52 2.38
CA VAL A 137 -8.04 23.36 1.90
C VAL A 137 -8.90 22.43 1.04
N PHE A 138 -8.38 21.95 -0.09
CA PHE A 138 -9.15 21.05 -0.94
C PHE A 138 -8.45 19.70 -1.14
N HIS A 139 -8.96 18.67 -0.49
CA HIS A 139 -8.36 17.34 -0.62
C HIS A 139 -9.37 16.23 -0.78
N SER A 140 -8.90 15.08 -1.23
CA SER A 140 -9.74 13.92 -1.47
C SER A 140 -9.55 12.73 -0.54
N PHE A 141 -9.88 12.94 0.73
CA PHE A 141 -9.79 11.91 1.75
C PHE A 141 -9.08 10.61 1.43
N GLY A 142 -9.64 9.81 0.53
CA GLY A 142 -9.03 8.53 0.20
C GLY A 142 -8.02 8.45 -0.92
N GLY A 143 -6.93 9.20 -0.80
CA GLY A 143 -5.92 9.18 -1.83
C GLY A 143 -4.57 9.04 -1.17
N GLY A 144 -3.50 9.25 -1.93
CA GLY A 144 -2.18 9.17 -1.36
C GLY A 144 -1.72 10.58 -1.03
N THR A 145 -1.67 11.42 -2.06
CA THR A 145 -1.24 12.81 -1.90
C THR A 145 -2.34 13.59 -1.21
N GLY A 146 -3.57 13.13 -1.33
CA GLY A 146 -4.67 13.85 -0.72
C GLY A 146 -4.93 13.58 0.75
N SER A 147 -4.78 12.33 1.16
CA SER A 147 -5.00 11.94 2.53
C SER A 147 -3.75 12.25 3.33
N GLY A 148 -2.70 11.48 3.05
CA GLY A 148 -1.44 11.63 3.74
C GLY A 148 -0.94 13.05 3.78
N PHE A 149 -0.27 13.48 2.72
CA PHE A 149 0.27 14.83 2.66
C PHE A 149 -0.48 15.85 3.49
N THR A 150 -1.65 16.26 3.03
CA THR A 150 -2.45 17.25 3.73
C THR A 150 -2.38 16.98 5.20
N SER A 151 -2.64 15.73 5.57
CA SER A 151 -2.60 15.36 6.97
C SER A 151 -1.53 16.17 7.68
N LEU A 152 -0.33 16.19 7.13
CA LEU A 152 0.72 16.96 7.77
C LEU A 152 0.75 18.43 7.36
N LEU A 153 0.10 18.76 6.24
CA LEU A 153 0.06 20.14 5.79
C LEU A 153 -0.84 20.89 6.77
N MET A 154 -2.06 20.41 6.94
CA MET A 154 -2.98 21.00 7.88
C MET A 154 -2.33 20.91 9.22
N GLU A 155 -1.57 19.83 9.41
CA GLU A 155 -0.88 19.57 10.65
C GLU A 155 0.05 20.74 10.94
N ARG A 156 0.98 20.99 10.01
CA ARG A 156 1.92 22.10 10.18
C ARG A 156 1.28 23.50 10.20
N LEU A 157 0.02 23.60 9.79
CA LEU A 157 -0.72 24.87 9.79
C LEU A 157 -1.27 25.17 11.18
N SER A 158 -2.00 24.21 11.74
CA SER A 158 -2.58 24.36 13.05
C SER A 158 -1.58 24.87 14.08
N VAL A 159 -0.30 24.74 13.77
CA VAL A 159 0.73 25.21 14.69
C VAL A 159 1.31 26.54 14.27
N ASP A 160 1.44 26.74 12.96
CA ASP A 160 2.00 27.97 12.45
C ASP A 160 0.99 29.12 12.41
N TYR A 161 -0.30 28.78 12.45
CA TYR A 161 -1.33 29.81 12.45
C TYR A 161 -2.52 29.36 13.27
N GLY A 162 -2.28 28.78 14.43
CA GLY A 162 -3.42 28.32 15.23
C GLY A 162 -4.50 29.38 15.32
N LYS A 163 -4.07 30.63 15.18
CA LYS A 163 -4.93 31.79 15.28
C LYS A 163 -5.71 32.13 14.00
N LYS A 164 -6.29 31.13 13.36
CA LYS A 164 -7.05 31.36 12.13
C LYS A 164 -8.08 30.26 11.89
N SER A 165 -8.67 30.29 10.70
CA SER A 165 -9.65 29.29 10.32
C SER A 165 -9.04 28.24 9.42
N LYS A 166 -9.42 27.00 9.70
CA LYS A 166 -8.93 25.86 8.93
C LYS A 166 -10.15 25.06 8.47
N LEU A 167 -10.78 25.54 7.41
CA LEU A 167 -11.92 24.85 6.88
C LEU A 167 -11.42 24.01 5.71
N GLU A 168 -11.47 22.70 5.89
CA GLU A 168 -11.01 21.83 4.83
C GLU A 168 -12.20 21.24 4.10
N PHE A 169 -12.22 21.45 2.80
CA PHE A 169 -13.28 20.96 1.95
C PHE A 169 -12.91 19.60 1.36
N SER A 170 -13.46 18.54 1.95
CA SER A 170 -13.16 17.18 1.51
C SER A 170 -14.20 16.49 0.61
N ILE A 171 -13.74 15.44 -0.06
CA ILE A 171 -14.54 14.62 -0.96
C ILE A 171 -14.33 13.22 -0.42
N TYR A 172 -15.03 12.92 0.67
CA TYR A 172 -14.89 11.65 1.33
C TYR A 172 -15.52 10.48 0.58
N PRO A 173 -14.87 9.29 0.64
CA PRO A 173 -15.15 7.96 0.07
C PRO A 173 -16.58 7.61 -0.31
N ALA A 174 -16.81 7.31 -1.59
CA ALA A 174 -18.13 6.93 -2.06
C ALA A 174 -18.55 5.72 -1.24
N PRO A 175 -19.76 5.77 -0.68
CA PRO A 175 -20.34 4.70 0.16
C PRO A 175 -20.25 3.25 -0.36
N GLN A 176 -20.24 3.07 -1.67
CA GLN A 176 -20.17 1.72 -2.25
C GLN A 176 -19.34 1.74 -3.51
N VAL A 177 -19.22 2.92 -4.09
CA VAL A 177 -18.49 3.11 -5.32
C VAL A 177 -17.13 3.74 -5.06
N SER A 178 -16.32 3.10 -4.24
CA SER A 178 -14.99 3.65 -3.97
C SER A 178 -14.13 3.28 -5.16
N THR A 179 -12.89 3.77 -5.17
CA THR A 179 -12.00 3.47 -6.26
C THR A 179 -10.83 2.67 -5.73
N ALA A 180 -9.89 3.35 -5.09
CA ALA A 180 -8.72 2.69 -4.53
C ALA A 180 -9.17 1.48 -3.75
N VAL A 181 -8.32 0.47 -3.71
CA VAL A 181 -8.64 -0.75 -2.99
C VAL A 181 -8.50 -0.54 -1.52
N VAL A 182 -7.59 0.35 -1.15
CA VAL A 182 -7.33 0.65 0.23
C VAL A 182 -8.12 1.81 0.83
N GLU A 183 -8.57 2.74 -0.01
CA GLU A 183 -9.36 3.92 0.38
C GLU A 183 -9.54 4.13 1.88
N PRO A 184 -10.21 3.21 2.60
CA PRO A 184 -10.39 3.41 4.04
C PRO A 184 -9.08 3.61 4.81
N TYR A 185 -8.07 2.81 4.51
CA TYR A 185 -6.80 2.99 5.19
C TYR A 185 -6.45 4.46 5.06
N ASN A 186 -6.52 4.98 3.84
CA ASN A 186 -6.19 6.37 3.59
C ASN A 186 -7.13 7.41 4.16
N SER A 187 -8.36 7.02 4.49
CA SER A 187 -9.34 7.96 5.01
C SER A 187 -9.58 7.87 6.49
N ILE A 188 -9.16 6.80 7.11
CA ILE A 188 -9.34 6.71 8.54
C ILE A 188 -8.11 7.41 9.07
N LEU A 189 -7.10 7.53 8.20
CA LEU A 189 -5.83 8.16 8.54
C LEU A 189 -5.77 9.64 8.29
N THR A 190 -6.55 10.14 7.35
CA THR A 190 -6.55 11.56 7.08
C THR A 190 -7.51 12.23 8.06
N THR A 191 -8.43 11.45 8.59
CA THR A 191 -9.41 11.98 9.52
C THR A 191 -8.80 12.18 10.90
N HIS A 192 -8.08 11.17 11.39
CA HIS A 192 -7.48 11.21 12.72
C HIS A 192 -6.35 12.19 12.88
N THR A 193 -5.63 12.40 11.79
CA THR A 193 -4.49 13.32 11.80
C THR A 193 -4.92 14.76 11.57
N THR A 194 -6.02 14.95 10.86
CA THR A 194 -6.50 16.30 10.57
C THR A 194 -7.51 16.75 11.63
N LEU A 195 -8.20 15.79 12.23
CA LEU A 195 -9.22 16.06 13.24
C LEU A 195 -8.85 17.08 14.29
N GLU A 196 -7.64 16.93 14.81
CA GLU A 196 -7.14 17.81 15.84
C GLU A 196 -6.44 19.04 15.24
N HIS A 197 -6.82 19.39 14.01
CA HIS A 197 -6.21 20.52 13.32
C HIS A 197 -7.15 21.40 12.49
N SER A 198 -8.28 20.85 12.05
CA SER A 198 -9.21 21.63 11.25
C SER A 198 -10.19 22.41 12.10
N ASP A 199 -10.83 23.38 11.46
CA ASP A 199 -11.81 24.23 12.12
C ASP A 199 -13.20 23.71 11.79
N CYS A 200 -13.44 23.52 10.50
CA CYS A 200 -14.70 23.02 9.98
C CYS A 200 -14.34 22.27 8.72
N ALA A 201 -14.75 21.01 8.63
CA ALA A 201 -14.47 20.23 7.45
C ALA A 201 -15.73 20.01 6.64
N PHE A 202 -15.79 20.63 5.46
CA PHE A 202 -16.95 20.45 4.59
C PHE A 202 -16.80 19.13 3.88
N MET A 203 -17.93 18.48 3.64
CA MET A 203 -17.89 17.19 2.98
C MET A 203 -18.86 17.09 1.82
N VAL A 204 -18.36 16.57 0.71
CA VAL A 204 -19.11 16.38 -0.51
C VAL A 204 -18.81 14.96 -1.01
N ASP A 205 -19.84 14.12 -0.97
CA ASP A 205 -19.72 12.71 -1.35
C ASP A 205 -19.75 12.53 -2.86
N ASN A 206 -18.68 11.99 -3.42
CA ASN A 206 -18.59 11.78 -4.85
C ASN A 206 -19.79 11.01 -5.44
N GLU A 207 -20.16 9.87 -4.85
CA GLU A 207 -21.30 9.09 -5.36
C GLU A 207 -22.63 9.82 -5.21
N ALA A 208 -22.97 10.19 -3.98
CA ALA A 208 -24.21 10.89 -3.71
C ALA A 208 -24.39 12.15 -4.56
N ILE A 209 -23.37 12.51 -5.33
CA ILE A 209 -23.46 13.67 -6.22
C ILE A 209 -23.91 13.13 -7.58
N TYR A 210 -23.52 11.89 -7.87
CA TYR A 210 -23.90 11.27 -9.12
C TYR A 210 -25.41 11.16 -9.15
N ASP A 211 -25.99 10.73 -8.03
CA ASP A 211 -27.41 10.60 -7.96
C ASP A 211 -28.01 11.89 -8.44
N ILE A 212 -27.52 13.00 -7.91
CA ILE A 212 -28.02 14.30 -8.30
C ILE A 212 -27.89 14.48 -9.81
N CYS A 213 -26.88 13.89 -10.42
CA CYS A 213 -26.67 14.01 -11.86
C CYS A 213 -27.56 13.07 -12.66
N ARG A 214 -28.07 12.06 -11.98
CA ARG A 214 -28.96 11.10 -12.58
C ARG A 214 -30.40 11.53 -12.33
N ARG A 215 -30.72 11.77 -11.06
CA ARG A 215 -32.06 12.14 -10.62
C ARG A 215 -32.47 13.60 -10.72
N ASN A 216 -31.52 14.51 -10.54
CA ASN A 216 -31.85 15.92 -10.59
C ASN A 216 -31.16 16.70 -11.68
N LEU A 217 -31.09 16.14 -12.87
CA LEU A 217 -30.41 16.82 -13.95
C LEU A 217 -30.42 15.90 -15.15
N ASP A 218 -30.56 14.62 -14.86
CA ASP A 218 -30.61 13.58 -15.88
C ASP A 218 -29.43 13.56 -16.84
N ILE A 219 -28.54 12.59 -16.62
CA ILE A 219 -27.35 12.38 -17.45
C ILE A 219 -26.57 11.20 -16.90
N GLU A 220 -26.41 10.16 -17.71
CA GLU A 220 -25.66 8.99 -17.27
C GLU A 220 -24.24 9.15 -17.79
N ARG A 221 -23.98 10.36 -18.31
CA ARG A 221 -22.68 10.74 -18.85
C ARG A 221 -22.05 11.84 -17.97
N PRO A 222 -21.89 11.56 -16.66
CA PRO A 222 -21.29 12.60 -15.82
C PRO A 222 -19.77 12.45 -15.75
N THR A 223 -19.05 13.35 -16.40
CA THR A 223 -17.61 13.31 -16.35
C THR A 223 -17.19 13.90 -15.03
N TYR A 224 -16.01 13.51 -14.55
CA TYR A 224 -15.51 14.06 -13.30
C TYR A 224 -15.63 15.56 -13.42
N THR A 225 -15.35 16.05 -14.62
CA THR A 225 -15.42 17.47 -14.91
C THR A 225 -16.77 18.09 -14.55
N ASN A 226 -17.75 17.25 -14.21
CA ASN A 226 -19.04 17.78 -13.84
C ASN A 226 -19.16 17.90 -12.34
N LEU A 227 -18.95 16.78 -11.65
CA LEU A 227 -19.03 16.78 -10.20
C LEU A 227 -18.24 17.98 -9.75
N ASN A 228 -17.15 18.24 -10.46
CA ASN A 228 -16.30 19.38 -10.11
C ASN A 228 -17.04 20.71 -10.30
N ARG A 229 -17.85 20.79 -11.36
CA ARG A 229 -18.60 22.00 -11.66
C ARG A 229 -19.60 22.23 -10.56
N LEU A 230 -20.06 21.12 -10.00
CA LEU A 230 -21.03 21.17 -8.93
C LEU A 230 -20.39 21.67 -7.67
N ILE A 231 -19.47 20.91 -7.09
CA ILE A 231 -18.84 21.40 -5.88
C ILE A 231 -18.35 22.78 -6.26
N GLY A 232 -17.87 22.89 -7.50
CA GLY A 232 -17.37 24.14 -8.01
C GLY A 232 -18.42 25.21 -7.85
N GLN A 233 -19.65 24.78 -7.57
CA GLN A 233 -20.77 25.70 -7.36
C GLN A 233 -20.98 25.90 -5.87
N ILE A 234 -21.30 24.83 -5.18
CA ILE A 234 -21.54 24.87 -3.74
C ILE A 234 -20.41 25.62 -3.05
N VAL A 235 -19.19 25.46 -3.55
CA VAL A 235 -18.04 26.14 -2.97
C VAL A 235 -18.11 27.63 -3.25
N SER A 236 -18.56 27.98 -4.45
CA SER A 236 -18.64 29.39 -4.81
C SER A 236 -19.55 30.12 -3.86
N SER A 237 -20.49 29.38 -3.30
CA SER A 237 -21.47 29.93 -2.36
C SER A 237 -20.84 30.14 -0.98
N ILE A 238 -19.82 29.36 -0.70
CA ILE A 238 -19.13 29.47 0.56
C ILE A 238 -18.30 30.75 0.52
N THR A 239 -17.09 30.65 0.01
CA THR A 239 -16.17 31.80 -0.05
C THR A 239 -16.64 32.87 -1.00
N ALA A 240 -16.28 32.73 -2.27
CA ALA A 240 -16.61 33.70 -3.30
C ALA A 240 -17.62 34.76 -2.87
N SER A 241 -18.89 34.45 -3.08
CA SER A 241 -20.02 35.33 -2.78
C SER A 241 -20.17 35.79 -1.33
N LEU A 242 -19.85 34.92 -0.38
CA LEU A 242 -20.00 35.29 1.01
C LEU A 242 -19.00 36.38 1.41
N ARG A 243 -17.74 36.17 1.05
CA ARG A 243 -16.70 37.15 1.34
C ARG A 243 -17.04 38.39 0.54
N PHE A 244 -18.12 38.28 -0.22
CA PHE A 244 -18.66 39.34 -1.07
C PHE A 244 -19.86 39.99 -0.34
N ASP A 245 -19.88 41.31 -0.30
CA ASP A 245 -20.94 42.11 0.35
C ASP A 245 -22.33 41.53 0.12
N GLY A 246 -23.25 41.87 1.02
CA GLY A 246 -24.61 41.36 0.89
C GLY A 246 -25.51 41.89 1.98
N ALA A 247 -26.76 41.42 1.99
CA ALA A 247 -27.73 41.88 2.99
C ALA A 247 -27.63 41.17 4.33
N LEU A 248 -26.79 40.12 4.38
CA LEU A 248 -26.60 39.38 5.63
C LEU A 248 -25.26 38.63 5.72
N ASN A 249 -24.18 39.31 5.31
CA ASN A 249 -22.84 38.75 5.30
C ASN A 249 -22.55 37.70 6.36
N VAL A 250 -21.68 36.77 5.99
CA VAL A 250 -21.24 35.68 6.86
C VAL A 250 -19.76 35.40 6.65
N ASP A 251 -18.94 35.80 7.62
CA ASP A 251 -17.50 35.63 7.59
C ASP A 251 -17.12 34.14 7.69
N LEU A 252 -15.88 33.78 7.39
CA LEU A 252 -15.48 32.38 7.50
C LEU A 252 -15.57 31.97 8.94
N THR A 253 -15.00 32.78 9.82
CA THR A 253 -15.06 32.47 11.23
C THR A 253 -16.52 32.11 11.50
N GLU A 254 -17.42 33.03 11.15
CA GLU A 254 -18.86 32.84 11.34
C GLU A 254 -19.22 31.36 11.29
N PHE A 255 -18.81 30.70 10.20
CA PHE A 255 -19.08 29.30 10.03
C PHE A 255 -18.75 28.53 11.28
N GLN A 256 -17.50 28.10 11.37
CA GLN A 256 -17.05 27.33 12.49
C GLN A 256 -17.78 27.71 13.79
N THR A 257 -18.01 29.01 14.00
CA THR A 257 -18.72 29.44 15.21
C THR A 257 -20.15 28.94 15.19
N ASN A 258 -20.91 29.39 14.19
CA ASN A 258 -22.31 29.00 14.07
C ASN A 258 -22.48 27.57 13.58
N LEU A 259 -21.39 26.93 13.19
CA LEU A 259 -21.45 25.55 12.64
C LEU A 259 -20.85 24.38 13.43
N VAL A 260 -19.90 24.62 14.31
CA VAL A 260 -19.36 23.51 15.07
C VAL A 260 -19.72 23.63 16.54
N PRO A 261 -20.39 22.61 17.08
CA PRO A 261 -20.77 22.68 18.47
C PRO A 261 -19.61 22.20 19.30
N TYR A 262 -18.75 21.39 18.69
CA TYR A 262 -17.61 20.86 19.44
C TYR A 262 -16.29 20.71 18.69
N PRO A 263 -15.19 21.02 19.37
CA PRO A 263 -13.81 20.99 18.87
C PRO A 263 -13.47 19.96 17.81
N ARG A 264 -14.12 18.81 17.81
CA ARG A 264 -13.81 17.84 16.76
C ARG A 264 -14.01 18.69 15.50
N ALA A 265 -13.00 18.71 14.63
CA ALA A 265 -13.05 19.49 13.39
C ALA A 265 -14.32 19.27 12.59
N HIS A 266 -15.38 18.99 13.32
CA HIS A 266 -16.70 18.69 12.80
C HIS A 266 -16.91 18.94 11.33
N PHE A 267 -17.56 17.97 10.73
CA PHE A 267 -17.77 17.95 9.32
C PHE A 267 -19.21 18.16 8.87
N PRO A 268 -19.55 19.38 8.45
CA PRO A 268 -20.93 19.54 7.97
C PRO A 268 -21.02 18.98 6.54
N LEU A 269 -22.20 19.03 5.94
CA LEU A 269 -22.42 18.53 4.57
C LEU A 269 -22.83 19.65 3.65
N ALA A 270 -22.40 19.63 2.40
CA ALA A 270 -22.78 20.70 1.47
C ALA A 270 -23.99 20.31 0.68
N THR A 271 -24.88 21.26 0.44
CA THR A 271 -26.13 21.00 -0.31
C THR A 271 -26.44 22.22 -1.16
N TYR A 272 -27.01 22.01 -2.32
CA TYR A 272 -27.34 23.15 -3.15
C TYR A 272 -28.80 23.05 -3.52
N ALA A 273 -29.49 24.16 -3.76
CA ALA A 273 -30.91 24.03 -4.08
C ALA A 273 -31.31 23.95 -5.56
N PRO A 274 -31.20 25.08 -6.29
CA PRO A 274 -31.61 24.97 -7.70
C PRO A 274 -30.67 24.14 -8.54
N VAL A 275 -30.75 22.81 -8.38
CA VAL A 275 -29.91 21.92 -9.15
C VAL A 275 -30.78 21.42 -10.27
N ILE A 276 -31.41 22.34 -10.97
CA ILE A 276 -32.26 21.95 -12.07
C ILE A 276 -31.48 21.95 -13.40
N SER A 277 -31.91 21.13 -14.34
CA SER A 277 -31.27 21.00 -15.64
C SER A 277 -31.50 22.12 -16.64
N ALA A 278 -30.44 22.65 -17.23
CA ALA A 278 -30.60 23.74 -18.20
C ALA A 278 -30.94 23.26 -19.58
N GLU A 279 -31.98 22.43 -19.69
CA GLU A 279 -32.40 21.92 -20.97
C GLU A 279 -33.74 21.27 -20.83
N LYS A 280 -33.75 20.23 -20.02
CA LYS A 280 -34.96 19.46 -19.78
C LYS A 280 -36.11 20.31 -19.29
N ALA A 281 -36.41 20.11 -18.01
CA ALA A 281 -37.50 20.81 -17.35
C ALA A 281 -37.20 22.28 -17.20
N TYR A 282 -38.25 23.06 -16.97
CA TYR A 282 -38.12 24.48 -16.76
C TYR A 282 -39.21 25.11 -15.99
N HIS A 283 -39.00 25.12 -14.69
CA HIS A 283 -39.94 25.73 -13.79
C HIS A 283 -39.05 26.74 -13.07
N GLU A 284 -37.76 26.79 -13.46
CA GLU A 284 -36.77 27.71 -12.88
C GLU A 284 -37.35 28.61 -11.79
N GLN A 285 -38.21 29.56 -12.17
CA GLN A 285 -38.87 30.47 -11.22
C GLN A 285 -39.47 29.68 -10.09
N LEU A 286 -38.62 29.33 -9.14
CA LEU A 286 -39.02 28.53 -8.02
C LEU A 286 -38.79 29.30 -6.72
N SER A 287 -39.63 30.30 -6.46
CA SER A 287 -39.49 31.14 -5.28
C SER A 287 -38.89 30.44 -4.10
N VAL A 288 -38.20 31.23 -3.29
CA VAL A 288 -37.54 30.77 -2.08
C VAL A 288 -38.28 29.61 -1.46
N ALA A 289 -39.49 29.88 -1.01
CA ALA A 289 -40.34 28.90 -0.38
C ALA A 289 -40.11 27.51 -0.92
N GLU A 290 -39.66 27.39 -2.18
CA GLU A 290 -39.42 26.09 -2.79
C GLU A 290 -37.99 25.61 -2.68
N ILE A 291 -37.05 26.42 -3.16
CA ILE A 291 -35.63 26.07 -3.13
C ILE A 291 -35.08 25.70 -1.74
N THR A 292 -35.73 26.18 -0.68
CA THR A 292 -35.29 25.89 0.66
C THR A 292 -35.79 24.56 1.13
N ASN A 293 -36.95 24.17 0.63
CA ASN A 293 -37.51 22.91 1.04
C ASN A 293 -36.72 21.84 0.29
N ALA A 294 -36.20 22.22 -0.86
CA ALA A 294 -35.44 21.30 -1.71
C ALA A 294 -34.05 21.00 -1.18
N CYS A 295 -33.72 21.56 -0.03
CA CYS A 295 -32.42 21.31 0.54
C CYS A 295 -32.48 20.17 1.53
N PHE A 296 -33.58 20.09 2.26
CA PHE A 296 -33.71 19.02 3.27
C PHE A 296 -34.15 17.66 2.74
N GLU A 297 -34.66 17.59 1.52
CA GLU A 297 -35.02 16.29 0.99
C GLU A 297 -33.64 15.68 0.76
N PRO A 298 -33.42 14.49 1.33
CA PRO A 298 -32.14 13.80 1.19
C PRO A 298 -31.57 13.56 -0.22
N ALA A 299 -32.41 13.64 -1.24
CA ALA A 299 -31.92 13.38 -2.58
C ALA A 299 -31.37 14.63 -3.22
N ASN A 300 -30.57 15.40 -2.49
CA ASN A 300 -30.02 16.60 -3.08
C ASN A 300 -28.95 17.18 -2.21
N GLN A 301 -28.14 16.32 -1.60
CA GLN A 301 -27.17 16.85 -0.68
C GLN A 301 -25.69 16.53 -0.85
N MET A 302 -25.29 16.12 -2.03
CA MET A 302 -23.88 15.85 -2.23
C MET A 302 -23.27 15.05 -1.09
N VAL A 303 -23.99 14.04 -0.61
CA VAL A 303 -23.49 13.17 0.46
C VAL A 303 -24.47 12.04 0.76
N LYS A 304 -23.97 10.81 0.67
CA LYS A 304 -24.75 9.61 0.90
C LYS A 304 -24.98 9.42 2.39
N CYS A 305 -25.40 10.48 3.06
CA CYS A 305 -25.65 10.42 4.48
C CYS A 305 -27.10 10.75 4.75
N ASP A 306 -27.97 10.31 3.85
CA ASP A 306 -29.41 10.53 3.94
C ASP A 306 -29.78 10.69 5.41
N PRO A 307 -30.49 11.77 5.79
CA PRO A 307 -30.88 11.98 7.19
C PRO A 307 -31.68 10.81 7.75
N ARG A 308 -31.04 9.64 7.71
CA ARG A 308 -31.58 8.37 8.16
C ARG A 308 -31.96 8.39 9.63
N HIS A 309 -31.56 9.47 10.31
CA HIS A 309 -31.87 9.65 11.73
C HIS A 309 -31.10 10.85 12.25
N GLY A 310 -29.97 11.11 11.61
CA GLY A 310 -29.12 12.22 12.01
C GLY A 310 -29.85 13.54 12.18
N LYS A 311 -29.95 13.97 13.43
CA LYS A 311 -30.60 15.22 13.76
C LYS A 311 -29.66 16.35 13.41
N TYR A 312 -30.17 17.33 12.67
CA TYR A 312 -29.33 18.47 12.34
C TYR A 312 -29.01 19.10 13.69
N MET A 313 -27.93 19.88 13.75
CA MET A 313 -27.57 20.55 14.98
C MET A 313 -27.12 21.96 14.68
N ALA A 314 -27.19 22.33 13.42
CA ALA A 314 -26.80 23.66 12.98
C ALA A 314 -26.67 23.69 11.47
N CYS A 315 -27.38 24.61 10.84
CA CYS A 315 -27.36 24.74 9.40
C CYS A 315 -27.07 26.20 9.06
N CYS A 316 -26.28 26.40 8.01
CA CYS A 316 -25.91 27.73 7.58
C CYS A 316 -26.50 27.95 6.22
N LEU A 317 -27.74 28.39 6.18
CA LEU A 317 -28.40 28.61 4.91
C LEU A 317 -27.87 29.80 4.16
N LEU A 318 -26.94 29.57 3.26
CA LEU A 318 -26.40 30.65 2.45
C LEU A 318 -27.23 30.82 1.19
N TYR A 319 -27.90 31.95 1.10
CA TYR A 319 -28.74 32.26 -0.05
C TYR A 319 -27.99 33.27 -0.88
N ARG A 320 -28.36 33.37 -2.14
CA ARG A 320 -27.72 34.30 -3.05
C ARG A 320 -28.73 34.63 -4.13
N GLY A 321 -28.74 35.88 -4.58
CA GLY A 321 -29.69 36.28 -5.61
C GLY A 321 -30.81 37.10 -5.00
N ASP A 322 -31.93 37.19 -5.69
CA ASP A 322 -33.07 37.97 -5.20
C ASP A 322 -33.88 37.26 -4.13
N VAL A 323 -33.60 37.61 -2.87
CA VAL A 323 -34.27 37.00 -1.72
C VAL A 323 -34.67 38.03 -0.65
N VAL A 324 -35.95 38.02 -0.30
CA VAL A 324 -36.50 38.91 0.72
C VAL A 324 -36.35 38.25 2.07
N PRO A 325 -35.62 38.90 2.98
CA PRO A 325 -35.37 38.39 4.32
C PRO A 325 -36.58 37.80 5.02
N LYS A 326 -37.77 38.30 4.71
CA LYS A 326 -38.99 37.78 5.32
C LYS A 326 -39.26 36.44 4.68
N ASP A 327 -39.08 36.38 3.37
CA ASP A 327 -39.29 35.15 2.63
C ASP A 327 -38.53 34.05 3.34
N VAL A 328 -37.32 34.37 3.77
CA VAL A 328 -36.47 33.43 4.47
C VAL A 328 -36.97 33.26 5.89
N ASN A 329 -37.03 34.38 6.61
CA ASN A 329 -37.50 34.38 7.98
C ASN A 329 -38.99 34.06 7.96
N ALA A 330 -39.30 32.96 7.27
CA ALA A 330 -40.66 32.45 7.12
C ALA A 330 -40.55 31.06 6.51
N ALA A 331 -39.80 30.98 5.42
CA ALA A 331 -39.58 29.72 4.74
C ALA A 331 -38.86 28.81 5.72
N ILE A 332 -38.03 29.42 6.57
CA ILE A 332 -37.30 28.69 7.58
C ILE A 332 -38.22 28.39 8.76
N ALA A 333 -39.09 29.34 9.06
CA ALA A 333 -40.04 29.19 10.16
C ALA A 333 -40.89 27.97 9.87
N THR A 334 -41.42 27.91 8.65
CA THR A 334 -42.25 26.77 8.22
C THR A 334 -41.49 25.47 8.49
N ILE A 335 -40.21 25.47 8.17
CA ILE A 335 -39.37 24.31 8.36
C ILE A 335 -39.23 24.00 9.86
N LYS A 336 -38.78 24.98 10.64
CA LYS A 336 -38.61 24.78 12.07
C LYS A 336 -39.78 24.04 12.71
N THR A 337 -40.92 24.02 12.01
CA THR A 337 -42.09 23.37 12.54
C THR A 337 -42.60 22.19 11.72
N LYS A 338 -41.70 21.52 11.02
CA LYS A 338 -42.06 20.35 10.21
C LYS A 338 -41.80 19.11 11.05
N ARG A 339 -41.08 19.31 12.15
CA ARG A 339 -40.73 18.27 13.11
C ARG A 339 -40.08 17.01 12.54
N THR A 340 -40.59 16.53 11.42
CA THR A 340 -40.02 15.33 10.80
C THR A 340 -38.59 15.67 10.37
N ILE A 341 -38.20 16.92 10.65
CA ILE A 341 -36.86 17.42 10.33
C ILE A 341 -36.06 17.57 11.64
N GLN A 342 -36.62 16.99 12.70
CA GLN A 342 -36.05 16.98 14.05
C GLN A 342 -34.61 17.51 14.21
N PHE A 343 -34.48 18.65 14.89
CA PHE A 343 -33.19 19.28 15.20
C PHE A 343 -32.76 18.80 16.57
N VAL A 344 -31.49 18.90 16.88
CA VAL A 344 -31.04 18.46 18.19
C VAL A 344 -31.83 19.12 19.30
N ASP A 345 -31.72 18.53 20.50
CA ASP A 345 -32.41 19.03 21.69
C ASP A 345 -31.75 20.29 22.17
N TRP A 346 -30.53 20.13 22.67
CA TRP A 346 -29.73 21.22 23.22
C TRP A 346 -29.58 22.38 22.26
N CYS A 347 -30.35 22.37 21.20
CA CYS A 347 -30.26 23.43 20.25
C CYS A 347 -31.62 24.02 19.92
N PRO A 348 -31.92 25.20 20.47
CA PRO A 348 -33.18 25.88 20.25
C PRO A 348 -33.32 26.18 18.79
N THR A 349 -32.50 27.12 18.37
CA THR A 349 -32.43 27.59 16.99
C THR A 349 -31.01 27.41 16.45
N GLY A 350 -30.93 26.70 15.35
CA GLY A 350 -29.67 26.42 14.66
C GLY A 350 -29.84 26.67 13.16
N PHE A 351 -30.04 27.93 12.85
CA PHE A 351 -30.25 28.37 11.46
C PHE A 351 -29.59 29.72 11.20
N LYS A 352 -28.39 29.63 10.66
CA LYS A 352 -27.59 30.81 10.28
C LYS A 352 -27.97 31.20 8.86
N VAL A 353 -28.77 32.25 8.77
CA VAL A 353 -29.27 32.76 7.48
C VAL A 353 -28.27 33.75 6.88
N GLY A 354 -27.64 33.28 5.82
CA GLY A 354 -26.64 34.05 5.07
C GLY A 354 -27.24 34.46 3.73
N ILE A 355 -27.40 35.76 3.57
CA ILE A 355 -27.96 36.36 2.36
C ILE A 355 -26.93 37.19 1.62
N ASN A 356 -26.78 36.82 0.36
CA ASN A 356 -25.90 37.51 -0.58
C ASN A 356 -26.79 38.17 -1.64
N TYR A 357 -26.20 38.99 -2.47
CA TYR A 357 -26.97 39.70 -3.49
C TYR A 357 -26.89 39.00 -4.85
N GLU A 358 -25.75 39.16 -5.49
CA GLU A 358 -25.48 38.60 -6.82
C GLU A 358 -25.99 37.15 -6.93
N PRO A 359 -26.91 36.87 -7.87
CA PRO A 359 -27.42 35.51 -8.06
C PRO A 359 -26.28 34.58 -8.44
N PRO A 360 -26.50 33.25 -8.51
CA PRO A 360 -25.44 32.31 -8.89
C PRO A 360 -24.92 32.63 -10.30
N THR A 361 -23.95 31.85 -10.75
CA THR A 361 -23.39 32.04 -12.08
C THR A 361 -22.99 30.71 -12.66
N VAL A 362 -23.86 30.20 -13.53
CA VAL A 362 -23.70 28.92 -14.16
C VAL A 362 -22.79 28.96 -15.38
N VAL A 363 -22.07 27.85 -15.57
CA VAL A 363 -21.18 27.70 -16.70
C VAL A 363 -22.00 28.03 -17.95
N PRO A 364 -21.42 28.80 -18.88
CA PRO A 364 -22.07 29.22 -20.13
C PRO A 364 -22.91 28.13 -20.79
N GLY A 365 -22.38 26.92 -20.82
CA GLY A 365 -23.10 25.84 -21.47
C GLY A 365 -22.81 24.45 -20.95
N GLY A 366 -22.74 24.30 -19.64
CA GLY A 366 -22.50 22.98 -19.07
C GLY A 366 -23.81 22.23 -19.06
N ASP A 367 -24.45 22.16 -17.90
CA ASP A 367 -25.74 21.48 -17.76
C ASP A 367 -26.50 22.00 -16.55
N LEU A 368 -25.99 23.06 -15.94
CA LEU A 368 -26.63 23.67 -14.77
C LEU A 368 -27.67 24.67 -15.24
N ALA A 369 -28.90 24.50 -14.74
CA ALA A 369 -30.03 25.34 -15.08
C ALA A 369 -29.68 26.81 -15.34
N LYS A 370 -29.49 27.54 -14.24
CA LYS A 370 -29.17 28.97 -14.19
C LYS A 370 -30.42 29.72 -13.73
N VAL A 371 -30.60 29.70 -12.42
CA VAL A 371 -31.72 30.34 -11.75
C VAL A 371 -31.29 31.72 -11.29
N GLN A 372 -32.19 32.45 -10.63
CA GLN A 372 -31.89 33.77 -10.11
C GLN A 372 -31.98 33.76 -8.59
N ARG A 373 -31.50 32.67 -8.01
CA ARG A 373 -31.50 32.50 -6.58
C ARG A 373 -31.21 31.03 -6.26
N ALA A 374 -30.42 30.80 -5.21
CA ALA A 374 -30.05 29.45 -4.82
C ALA A 374 -29.79 29.38 -3.33
N VAL A 375 -29.75 28.15 -2.81
CA VAL A 375 -29.54 27.88 -1.39
C VAL A 375 -28.47 26.82 -1.16
N CYS A 376 -27.28 27.27 -0.81
CA CYS A 376 -26.16 26.37 -0.52
C CYS A 376 -26.15 26.21 0.99
N MET A 377 -26.94 25.26 1.47
CA MET A 377 -27.04 25.02 2.88
C MET A 377 -26.11 23.90 3.26
N LEU A 378 -25.33 24.13 4.29
CA LEU A 378 -24.41 23.15 4.79
C LEU A 378 -24.78 22.96 6.24
N SER A 379 -24.40 21.83 6.82
CA SER A 379 -24.77 21.56 8.20
C SER A 379 -24.10 20.37 8.84
N ASN A 380 -24.17 20.35 10.16
CA ASN A 380 -23.62 19.25 10.95
C ASN A 380 -24.88 18.44 11.26
N THR A 381 -24.84 17.17 10.90
CA THR A 381 -25.98 16.29 11.13
C THR A 381 -25.50 15.04 11.82
N THR A 382 -26.20 14.64 12.86
CA THR A 382 -25.87 13.43 13.61
C THR A 382 -25.91 12.27 12.62
N ALA A 383 -26.18 12.60 11.37
CA ALA A 383 -26.28 11.62 10.32
C ALA A 383 -24.96 10.97 10.02
N ILE A 384 -23.90 11.76 9.90
CA ILE A 384 -22.61 11.18 9.59
C ILE A 384 -22.24 10.07 10.55
N ALA A 385 -22.97 9.95 11.66
CA ALA A 385 -22.72 8.87 12.62
C ALA A 385 -22.65 7.63 11.74
N GLU A 386 -23.46 7.64 10.70
CA GLU A 386 -23.49 6.58 9.72
C GLU A 386 -22.19 6.64 8.95
N ALA A 387 -22.20 7.40 7.85
CA ALA A 387 -21.05 7.57 6.97
C ALA A 387 -19.68 7.24 7.57
N TRP A 388 -19.43 7.66 8.81
CA TRP A 388 -18.16 7.37 9.46
C TRP A 388 -18.17 5.90 9.81
N ALA A 389 -19.25 5.46 10.44
CA ALA A 389 -19.42 4.07 10.81
C ALA A 389 -19.06 3.19 9.62
N ARG A 390 -19.91 3.23 8.61
CA ARG A 390 -19.73 2.46 7.38
C ARG A 390 -18.33 2.53 6.76
N LEU A 391 -17.58 3.56 7.10
CA LEU A 391 -16.26 3.73 6.52
C LEU A 391 -15.21 3.18 7.45
N ASP A 392 -15.57 3.12 8.72
CA ASP A 392 -14.68 2.61 9.74
C ASP A 392 -14.67 1.11 9.63
N HIS A 393 -15.87 0.53 9.61
CA HIS A 393 -16.07 -0.90 9.47
C HIS A 393 -15.18 -1.40 8.35
N LYS A 394 -15.31 -0.78 7.18
CA LYS A 394 -14.49 -1.12 6.00
C LYS A 394 -13.08 -1.44 6.48
N PHE A 395 -12.44 -0.39 6.99
CA PHE A 395 -11.09 -0.42 7.51
C PHE A 395 -10.76 -1.71 8.26
N ASP A 396 -11.51 -1.96 9.33
CA ASP A 396 -11.31 -3.16 10.14
C ASP A 396 -11.18 -4.40 9.29
N LEU A 397 -12.21 -4.68 8.51
CA LEU A 397 -12.19 -5.85 7.67
C LEU A 397 -10.80 -6.12 7.11
N MET A 398 -10.20 -5.10 6.51
CA MET A 398 -8.87 -5.25 5.91
C MET A 398 -7.77 -5.31 6.94
N TYR A 399 -7.78 -4.37 7.87
CA TYR A 399 -6.77 -4.35 8.92
C TYR A 399 -6.82 -5.71 9.61
N ALA A 400 -8.02 -6.20 9.81
CA ALA A 400 -8.22 -7.48 10.46
C ALA A 400 -7.34 -8.56 9.83
N LYS A 401 -6.86 -8.29 8.62
CA LYS A 401 -6.00 -9.24 7.90
C LYS A 401 -4.72 -8.57 7.43
N ARG A 402 -4.54 -7.33 7.86
CA ARG A 402 -3.37 -6.56 7.53
C ARG A 402 -3.35 -6.17 6.06
N ALA A 403 -4.20 -6.79 5.26
CA ALA A 403 -4.26 -6.52 3.84
C ALA A 403 -3.04 -5.73 3.39
N PHE A 404 -3.24 -4.59 2.76
CA PHE A 404 -2.12 -3.80 2.25
C PHE A 404 -1.35 -3.07 3.32
N VAL A 405 -1.10 -3.72 4.44
CA VAL A 405 -0.38 -3.05 5.50
C VAL A 405 1.10 -2.93 5.15
N HIS A 406 1.69 -3.99 4.64
CA HIS A 406 3.11 -3.92 4.34
C HIS A 406 3.46 -2.74 3.45
N TRP A 407 2.47 -2.11 2.86
CA TRP A 407 2.73 -1.01 1.98
C TRP A 407 2.97 0.26 2.71
N TYR A 408 2.49 0.33 3.94
CA TYR A 408 2.68 1.54 4.73
C TYR A 408 3.85 1.38 5.65
N VAL A 409 3.88 0.25 6.35
CA VAL A 409 4.96 -0.03 7.28
C VAL A 409 6.26 0.28 6.59
N GLY A 410 6.44 -0.33 5.43
CA GLY A 410 7.64 -0.12 4.65
C GLY A 410 7.75 1.32 4.19
N GLU A 411 6.90 2.18 4.75
CA GLU A 411 6.92 3.57 4.39
C GLU A 411 6.92 4.46 5.62
N GLY A 412 7.53 3.99 6.69
CA GLY A 412 7.61 4.80 7.89
C GLY A 412 6.32 5.04 8.63
N MET A 413 5.71 3.95 9.06
CA MET A 413 4.46 3.94 9.80
C MET A 413 4.60 2.73 10.70
N GLU A 414 3.58 2.41 11.47
CA GLU A 414 3.70 1.28 12.36
C GLU A 414 2.34 0.72 12.71
N GLU A 415 2.33 -0.40 13.42
CA GLU A 415 1.06 -1.00 13.85
C GLU A 415 0.39 0.06 14.72
N GLY A 416 1.21 0.99 15.19
CA GLY A 416 0.69 2.05 16.03
C GLY A 416 -0.27 2.91 15.25
N GLU A 417 0.27 3.77 14.40
CA GLU A 417 -0.54 4.69 13.62
C GLU A 417 -1.86 4.13 13.13
N PHE A 418 -1.91 2.86 12.73
CA PHE A 418 -3.18 2.31 12.27
C PHE A 418 -4.07 2.08 13.49
N SER A 419 -3.73 1.07 14.28
CA SER A 419 -4.51 0.75 15.47
C SER A 419 -4.82 1.96 16.33
N GLU A 420 -3.89 2.90 16.39
CA GLU A 420 -4.11 4.06 17.23
C GLU A 420 -4.90 5.18 16.55
N ALA A 421 -5.22 5.01 15.27
CA ALA A 421 -6.01 5.99 14.52
C ALA A 421 -7.38 5.41 14.32
N ARG A 422 -7.48 4.13 14.63
CA ARG A 422 -8.72 3.41 14.55
C ARG A 422 -9.42 3.78 15.84
N GLU A 423 -8.72 3.58 16.96
CA GLU A 423 -9.26 3.93 18.27
C GLU A 423 -9.71 5.38 18.18
N ASP A 424 -8.95 6.18 17.45
CA ASP A 424 -9.25 7.60 17.26
C ASP A 424 -10.69 7.76 16.81
N MET A 425 -10.95 7.36 15.57
CA MET A 425 -12.27 7.48 15.02
C MET A 425 -13.32 6.81 15.89
N ALA A 426 -12.95 5.72 16.57
CA ALA A 426 -13.90 5.04 17.44
C ALA A 426 -14.65 6.08 18.26
N ALA A 427 -13.89 6.99 18.90
CA ALA A 427 -14.46 8.06 19.73
C ALA A 427 -15.03 9.18 18.88
N LEU A 428 -15.25 8.90 17.60
CA LEU A 428 -15.82 9.86 16.68
C LEU A 428 -17.18 9.28 16.33
N GLU A 429 -17.31 7.98 16.61
CA GLU A 429 -18.54 7.24 16.38
C GLU A 429 -19.36 7.39 17.67
N LYS A 430 -18.66 7.60 18.78
CA LYS A 430 -19.31 7.79 20.07
C LYS A 430 -19.65 9.26 20.21
N ASP A 431 -18.75 10.10 19.72
CA ASP A 431 -18.93 11.53 19.78
C ASP A 431 -20.19 11.94 19.02
N TYR A 432 -20.22 11.64 17.73
CA TYR A 432 -21.36 11.95 16.88
C TYR A 432 -22.62 11.25 17.32
N GLU A 433 -22.49 10.39 18.32
CA GLU A 433 -23.60 9.63 18.88
C GLU A 433 -24.10 10.34 20.13
N GLU A 434 -23.17 10.70 21.00
CA GLU A 434 -23.51 11.39 22.24
C GLU A 434 -24.08 12.79 22.04
N VAL A 435 -23.45 13.58 21.18
CA VAL A 435 -23.91 14.95 20.94
C VAL A 435 -25.32 14.94 20.36
N GLY A 436 -25.89 13.75 20.21
CA GLY A 436 -27.24 13.64 19.69
C GLY A 436 -27.88 12.36 20.20
N VAL A 437 -29.02 11.99 19.62
CA VAL A 437 -29.75 10.79 20.00
C VAL A 437 -30.14 10.80 21.49
N ASP A 438 -29.57 11.74 22.24
CA ASP A 438 -29.83 11.83 23.68
C ASP A 438 -30.26 13.24 24.11
N SER A 439 -31.04 13.31 25.18
CA SER A 439 -31.54 14.60 25.66
C SER A 439 -31.22 14.82 27.15
N ARG B 2 8.58 10.27 -14.71
CA ARG B 2 8.88 8.88 -14.25
C ARG B 2 9.47 8.08 -15.41
N GLU B 3 9.90 6.85 -15.14
CA GLU B 3 10.52 5.99 -16.16
C GLU B 3 10.47 4.49 -15.83
N ILE B 4 10.92 3.69 -16.79
CA ILE B 4 10.99 2.22 -16.68
C ILE B 4 12.02 1.73 -17.73
N VAL B 5 12.55 0.53 -17.53
CA VAL B 5 13.50 -0.04 -18.50
C VAL B 5 13.19 -1.51 -18.77
N HIS B 6 12.55 -1.74 -19.92
CA HIS B 6 12.14 -3.06 -20.37
C HIS B 6 13.30 -4.02 -20.36
N ILE B 7 12.99 -5.32 -20.23
CA ILE B 7 14.01 -6.36 -20.24
C ILE B 7 13.54 -7.62 -21.02
N GLN B 8 14.15 -7.85 -22.18
CA GLN B 8 13.82 -8.98 -23.07
C GLN B 8 14.64 -10.25 -22.80
N ALA B 9 14.37 -10.91 -21.68
CA ALA B 9 15.11 -12.12 -21.32
C ALA B 9 14.75 -13.36 -22.14
N GLY B 10 15.77 -14.04 -22.66
CA GLY B 10 15.51 -15.24 -23.45
C GLY B 10 15.04 -14.94 -24.85
N GLN B 11 14.60 -15.97 -25.58
CA GLN B 11 14.11 -15.80 -26.95
C GLN B 11 12.70 -15.29 -26.86
N CYS B 12 11.84 -16.06 -26.24
CA CYS B 12 10.45 -15.67 -26.10
C CYS B 12 10.39 -14.24 -25.66
N GLY B 13 10.78 -14.02 -24.41
CA GLY B 13 10.77 -12.68 -23.86
C GLY B 13 11.29 -11.71 -24.89
N ASN B 14 12.17 -12.21 -25.74
CA ASN B 14 12.75 -11.38 -26.78
C ASN B 14 11.78 -11.24 -27.94
N GLN B 15 11.35 -12.37 -28.51
CA GLN B 15 10.40 -12.37 -29.63
C GLN B 15 9.30 -11.37 -29.32
N ILE B 16 8.79 -11.45 -28.10
CA ILE B 16 7.73 -10.55 -27.62
C ILE B 16 8.22 -9.10 -27.57
N GLY B 17 9.49 -8.92 -27.23
CA GLY B 17 10.03 -7.58 -27.19
C GLY B 17 9.69 -6.93 -28.51
N ALA B 18 9.99 -7.63 -29.59
CA ALA B 18 9.73 -7.12 -30.91
C ALA B 18 8.28 -6.73 -31.08
N LYS B 19 7.37 -7.46 -30.44
CA LYS B 19 5.95 -7.14 -30.57
C LYS B 19 5.56 -6.06 -29.59
N PHE B 20 6.14 -6.08 -28.40
CA PHE B 20 5.79 -5.05 -27.42
C PHE B 20 6.29 -3.71 -27.91
N TRP B 21 7.40 -3.71 -28.62
CA TRP B 21 7.94 -2.47 -29.11
C TRP B 21 7.34 -2.14 -30.47
N GLU B 22 6.92 -3.16 -31.19
CA GLU B 22 6.27 -2.96 -32.48
C GLU B 22 5.11 -2.04 -32.15
N VAL B 23 4.27 -2.49 -31.23
CA VAL B 23 3.10 -1.76 -30.78
C VAL B 23 3.47 -0.40 -30.20
N ILE B 24 3.76 -0.42 -28.90
CA ILE B 24 4.14 0.74 -28.14
C ILE B 24 4.66 1.92 -28.97
N SER B 25 5.55 1.64 -29.92
CA SER B 25 6.11 2.68 -30.76
C SER B 25 4.99 3.42 -31.49
N ASP B 26 4.19 2.67 -32.24
CA ASP B 26 3.05 3.22 -32.99
C ASP B 26 2.12 3.95 -32.03
N GLU B 27 2.09 3.49 -30.78
CA GLU B 27 1.27 4.09 -29.73
C GLU B 27 2.10 5.24 -29.16
N HIS B 28 3.07 5.67 -29.95
CA HIS B 28 3.95 6.76 -29.57
C HIS B 28 4.64 7.34 -30.80
N GLY B 29 4.07 7.05 -31.97
CA GLY B 29 4.60 7.55 -33.23
C GLY B 29 6.11 7.52 -33.49
N ILE B 30 6.75 6.44 -33.11
CA ILE B 30 8.17 6.30 -33.31
C ILE B 30 8.46 5.26 -34.39
N ASP B 31 8.86 5.74 -35.57
CA ASP B 31 9.18 4.90 -36.71
C ASP B 31 10.53 4.23 -36.46
N PRO B 32 10.79 3.09 -37.13
CA PRO B 32 12.06 2.37 -36.96
C PRO B 32 13.13 3.19 -36.25
N THR B 33 13.86 4.01 -37.00
CA THR B 33 14.89 4.85 -36.41
C THR B 33 14.34 6.29 -36.37
N GLY B 34 13.25 6.50 -37.10
CA GLY B 34 12.62 7.81 -37.15
C GLY B 34 12.34 8.37 -35.78
N SER B 35 11.61 9.47 -35.73
CA SER B 35 11.28 10.11 -34.47
C SER B 35 9.81 10.01 -34.13
N TYR B 36 9.28 11.13 -33.65
CA TYR B 36 7.88 11.21 -33.26
C TYR B 36 7.01 11.79 -34.37
N HIS B 37 6.36 10.91 -35.14
CA HIS B 37 5.46 11.32 -36.22
C HIS B 37 4.08 11.50 -35.60
N GLY B 38 3.98 11.12 -34.33
CA GLY B 38 2.75 11.21 -33.57
C GLY B 38 1.61 12.00 -34.17
N ASP B 39 0.52 11.29 -34.45
CA ASP B 39 -0.66 11.92 -35.02
C ASP B 39 -1.06 13.07 -34.11
N SER B 40 -0.75 12.94 -32.83
CA SER B 40 -1.08 13.96 -31.85
C SER B 40 0.17 14.61 -31.27
N ASP B 41 0.02 15.25 -30.12
CA ASP B 41 1.11 15.94 -29.43
C ASP B 41 1.24 15.41 -28.02
N LEU B 42 0.27 14.61 -27.61
CA LEU B 42 0.23 14.02 -26.27
C LEU B 42 1.04 12.75 -26.13
N GLN B 43 1.27 12.07 -27.25
CA GLN B 43 2.03 10.82 -27.27
C GLN B 43 3.52 11.11 -27.16
N LEU B 44 3.85 12.26 -26.58
CA LEU B 44 5.25 12.67 -26.48
C LEU B 44 5.68 13.25 -25.14
N GLU B 45 4.77 13.95 -24.48
CA GLU B 45 5.07 14.57 -23.20
C GLU B 45 5.46 13.58 -22.11
N ARG B 46 5.21 12.30 -22.36
CA ARG B 46 5.52 11.28 -21.36
C ARG B 46 6.34 10.11 -21.90
N ILE B 47 6.73 10.15 -23.18
CA ILE B 47 7.50 9.05 -23.76
C ILE B 47 8.65 8.60 -22.88
N ASN B 48 9.47 9.56 -22.45
CA ASN B 48 10.64 9.28 -21.63
C ASN B 48 10.56 7.94 -20.94
N VAL B 49 9.40 7.64 -20.36
CA VAL B 49 9.19 6.36 -19.69
C VAL B 49 9.84 5.16 -20.40
N TYR B 50 9.98 5.24 -21.72
CA TYR B 50 10.55 4.14 -22.50
C TYR B 50 11.67 4.48 -23.48
N TYR B 51 12.07 5.75 -23.56
CA TYR B 51 13.13 6.12 -24.51
C TYR B 51 14.21 7.02 -23.95
N ASN B 52 15.09 7.50 -24.83
CA ASN B 52 16.17 8.39 -24.45
C ASN B 52 16.49 9.40 -25.56
N GLU B 53 16.85 10.61 -25.15
CA GLU B 53 17.17 11.69 -26.09
C GLU B 53 18.66 11.74 -26.42
N ALA B 54 18.98 11.57 -27.70
CA ALA B 54 20.37 11.62 -28.17
C ALA B 54 20.47 12.55 -29.37
N ALA B 55 19.98 12.08 -30.51
CA ALA B 55 20.01 12.87 -31.73
C ALA B 55 18.97 14.00 -31.65
N GLY B 56 17.72 13.67 -32.00
CA GLY B 56 16.65 14.65 -31.97
C GLY B 56 15.49 14.12 -32.79
N ASN B 57 15.70 12.91 -33.31
CA ASN B 57 14.73 12.19 -34.13
C ASN B 57 14.89 10.73 -33.75
N LYS B 58 15.88 10.46 -32.92
CA LYS B 58 16.17 9.11 -32.49
C LYS B 58 15.94 8.88 -31.00
N TYR B 59 14.70 8.53 -30.67
CA TYR B 59 14.33 8.23 -29.30
C TYR B 59 14.48 6.72 -29.27
N VAL B 60 15.54 6.22 -28.64
CA VAL B 60 15.78 4.78 -28.61
C VAL B 60 15.18 4.04 -27.43
N PRO B 61 14.46 2.95 -27.71
CA PRO B 61 13.86 2.16 -26.65
C PRO B 61 14.89 1.81 -25.60
N ARG B 62 14.53 2.01 -24.35
CA ARG B 62 15.41 1.74 -23.23
C ARG B 62 15.09 0.40 -22.61
N ALA B 63 15.43 -0.66 -23.34
CA ALA B 63 15.20 -2.03 -22.89
C ALA B 63 16.51 -2.80 -22.94
N ILE B 64 16.47 -4.05 -22.50
CA ILE B 64 17.67 -4.86 -22.55
C ILE B 64 17.32 -6.14 -23.28
N LEU B 65 18.25 -6.62 -24.11
CA LEU B 65 18.03 -7.85 -24.88
C LEU B 65 19.05 -8.89 -24.43
N VAL B 66 18.61 -9.75 -23.53
CA VAL B 66 19.45 -10.80 -22.96
C VAL B 66 19.12 -12.17 -23.55
N ASP B 67 20.14 -12.83 -24.09
CA ASP B 67 19.97 -14.14 -24.70
C ASP B 67 21.29 -14.83 -25.04
N LEU B 68 21.34 -16.13 -24.81
CA LEU B 68 22.54 -16.94 -25.07
C LEU B 68 22.52 -17.63 -26.44
N GLU B 69 21.56 -17.25 -27.27
CA GLU B 69 21.41 -17.82 -28.60
C GLU B 69 21.49 -16.66 -29.58
N PRO B 70 22.59 -16.55 -30.32
CA PRO B 70 22.68 -15.45 -31.26
C PRO B 70 21.48 -15.38 -32.23
N GLY B 71 21.37 -16.37 -33.12
CA GLY B 71 20.28 -16.40 -34.09
C GLY B 71 19.02 -15.63 -33.73
N THR B 72 18.58 -15.76 -32.48
CA THR B 72 17.38 -15.06 -32.03
C THR B 72 17.51 -13.55 -32.18
N MET B 73 18.25 -12.92 -31.28
CA MET B 73 18.42 -11.47 -31.33
C MET B 73 18.88 -11.03 -32.72
N ASP B 74 19.46 -11.97 -33.47
CA ASP B 74 19.92 -11.69 -34.82
C ASP B 74 18.79 -11.89 -35.85
N SER B 75 17.58 -12.05 -35.34
CA SER B 75 16.40 -12.21 -36.17
C SER B 75 15.54 -10.99 -35.83
N VAL B 76 15.64 -10.59 -34.57
CA VAL B 76 14.92 -9.44 -34.06
C VAL B 76 15.66 -8.19 -34.49
N ARG B 77 16.97 -8.31 -34.65
CA ARG B 77 17.78 -7.16 -35.05
C ARG B 77 17.93 -7.09 -36.57
N SER B 78 17.50 -8.14 -37.28
CA SER B 78 17.62 -8.17 -38.73
C SER B 78 16.28 -8.07 -39.45
N GLY B 79 15.22 -7.74 -38.70
CA GLY B 79 13.90 -7.63 -39.31
C GLY B 79 13.35 -6.21 -39.32
N PRO B 80 12.07 -6.02 -38.96
CA PRO B 80 11.44 -4.70 -38.94
C PRO B 80 12.11 -3.70 -37.98
N PHE B 81 11.38 -3.31 -36.94
CA PHE B 81 11.89 -2.36 -35.95
C PHE B 81 13.22 -2.76 -35.34
N GLY B 82 13.74 -3.91 -35.75
CA GLY B 82 14.99 -4.39 -35.19
C GLY B 82 16.17 -3.42 -35.16
N GLN B 83 16.14 -2.40 -36.02
CA GLN B 83 17.25 -1.46 -36.06
C GLN B 83 17.04 -0.15 -35.31
N ILE B 84 16.36 -0.23 -34.16
CA ILE B 84 16.10 0.97 -33.35
C ILE B 84 16.83 0.86 -32.02
N PHE B 85 17.12 -0.38 -31.61
CA PHE B 85 17.82 -0.62 -30.36
C PHE B 85 19.29 -0.24 -30.57
N ARG B 86 19.88 0.49 -29.63
CA ARG B 86 21.28 0.82 -29.73
C ARG B 86 21.96 -0.52 -29.50
N PRO B 87 22.98 -0.87 -30.31
CA PRO B 87 23.68 -2.15 -30.17
C PRO B 87 24.12 -2.46 -28.74
N ASP B 88 24.38 -1.41 -27.99
CA ASP B 88 24.80 -1.54 -26.61
C ASP B 88 23.77 -2.38 -25.84
N ASN B 89 22.52 -2.32 -26.28
CA ASN B 89 21.41 -3.03 -25.65
C ASN B 89 21.51 -4.54 -25.76
N PHE B 90 22.07 -5.02 -26.87
CA PHE B 90 22.20 -6.45 -27.11
C PHE B 90 23.23 -7.15 -26.22
N VAL B 91 22.78 -7.78 -25.14
CA VAL B 91 23.71 -8.50 -24.28
C VAL B 91 23.54 -9.96 -24.62
N PHE B 92 24.28 -10.40 -25.64
CA PHE B 92 24.24 -11.76 -26.13
C PHE B 92 25.20 -12.69 -25.39
N GLY B 93 25.01 -13.99 -25.59
CA GLY B 93 25.87 -14.98 -24.99
C GLY B 93 26.01 -16.06 -26.04
N GLN B 94 26.92 -15.87 -26.98
CA GLN B 94 27.11 -16.83 -28.08
C GLN B 94 27.34 -18.26 -27.62
N SER B 95 27.43 -18.47 -26.31
CA SER B 95 27.62 -19.79 -25.73
C SER B 95 26.53 -20.75 -26.25
N GLY B 96 26.41 -21.91 -25.62
CA GLY B 96 25.38 -22.84 -26.02
C GLY B 96 24.17 -22.51 -25.15
N ALA B 97 23.18 -21.81 -25.71
CA ALA B 97 22.01 -21.42 -24.94
C ALA B 97 21.14 -22.61 -24.49
N GLY B 98 21.79 -23.69 -24.10
CA GLY B 98 21.08 -24.89 -23.67
C GLY B 98 19.78 -24.62 -22.97
N ASN B 99 18.81 -25.50 -23.19
CA ASN B 99 17.48 -25.36 -22.61
C ASN B 99 17.40 -25.66 -21.12
N ASN B 100 18.51 -25.46 -20.43
CA ASN B 100 18.57 -25.76 -19.02
C ASN B 100 18.56 -24.52 -18.12
N TRP B 101 17.61 -24.50 -17.19
CA TRP B 101 17.47 -23.40 -16.24
C TRP B 101 18.81 -23.20 -15.56
N ALA B 102 19.44 -24.33 -15.26
CA ALA B 102 20.72 -24.33 -14.61
C ALA B 102 21.80 -23.83 -15.53
N LYS B 103 21.64 -24.03 -16.83
CA LYS B 103 22.68 -23.58 -17.76
C LYS B 103 22.64 -22.09 -18.02
N GLY B 104 21.52 -21.46 -17.71
CA GLY B 104 21.42 -20.02 -17.93
C GLY B 104 21.31 -19.23 -16.63
N HIS B 105 21.46 -19.92 -15.50
CA HIS B 105 21.34 -19.26 -14.22
C HIS B 105 22.58 -19.44 -13.38
N TYR B 106 23.27 -20.57 -13.54
CA TYR B 106 24.49 -20.82 -12.75
C TYR B 106 25.78 -20.93 -13.52
N THR B 107 25.71 -21.55 -14.69
CA THR B 107 26.92 -21.77 -15.42
C THR B 107 27.18 -20.90 -16.61
N GLU B 108 26.23 -20.84 -17.52
CA GLU B 108 26.45 -20.03 -18.69
C GLU B 108 25.99 -18.60 -18.49
N GLY B 109 24.77 -18.42 -18.00
CA GLY B 109 24.25 -17.08 -17.80
C GLY B 109 24.99 -16.26 -16.76
N ALA B 110 25.40 -16.92 -15.68
CA ALA B 110 26.09 -16.24 -14.60
C ALA B 110 27.27 -15.42 -15.08
N GLU B 111 27.83 -15.78 -16.23
CA GLU B 111 28.97 -15.03 -16.74
C GLU B 111 28.48 -13.77 -17.43
N LEU B 112 27.55 -13.96 -18.35
CA LEU B 112 26.98 -12.86 -19.12
C LEU B 112 26.23 -11.83 -18.28
N VAL B 113 25.96 -12.18 -17.02
CA VAL B 113 25.22 -11.30 -16.12
C VAL B 113 25.88 -9.95 -15.88
N ASP B 114 27.13 -9.96 -15.41
CA ASP B 114 27.84 -8.73 -15.12
C ASP B 114 27.83 -7.78 -16.32
N SER B 115 27.98 -8.33 -17.52
CA SER B 115 27.96 -7.52 -18.74
C SER B 115 26.55 -7.04 -19.05
N VAL B 116 25.59 -7.45 -18.23
CA VAL B 116 24.20 -7.04 -18.41
C VAL B 116 24.00 -5.97 -17.37
N LEU B 117 24.10 -6.34 -16.10
CA LEU B 117 23.91 -5.40 -15.00
C LEU B 117 24.56 -4.06 -15.34
N ASP B 118 25.70 -4.16 -16.02
CA ASP B 118 26.49 -3.03 -16.45
C ASP B 118 25.56 -2.07 -17.16
N VAL B 119 24.88 -2.59 -18.18
CA VAL B 119 23.98 -1.78 -18.97
C VAL B 119 22.70 -1.43 -18.19
N VAL B 120 22.12 -2.39 -17.50
CA VAL B 120 20.89 -2.12 -16.73
C VAL B 120 21.13 -0.92 -15.80
N ARG B 121 22.40 -0.58 -15.58
CA ARG B 121 22.77 0.55 -14.73
C ARG B 121 22.98 1.77 -15.63
N LYS B 122 23.51 1.54 -16.81
CA LYS B 122 23.71 2.64 -17.74
C LYS B 122 22.35 3.23 -18.10
N GLU B 123 21.34 2.36 -18.16
CA GLU B 123 19.99 2.78 -18.51
C GLU B 123 19.23 3.34 -17.33
N SER B 124 19.47 2.78 -16.14
CA SER B 124 18.80 3.24 -14.94
C SER B 124 19.27 4.63 -14.58
N GLU B 125 20.58 4.83 -14.65
CA GLU B 125 21.20 6.12 -14.34
C GLU B 125 21.08 7.06 -15.54
N SER B 126 20.15 6.74 -16.42
CA SER B 126 19.89 7.55 -17.60
C SER B 126 19.64 8.94 -17.07
N CYS B 127 18.38 9.21 -16.74
CA CYS B 127 18.00 10.50 -16.20
C CYS B 127 16.71 10.46 -15.38
N ASP B 128 16.26 11.65 -15.00
CA ASP B 128 15.07 11.85 -14.19
C ASP B 128 14.97 10.83 -13.07
N CYS B 129 13.77 10.31 -12.84
CA CYS B 129 13.54 9.33 -11.78
C CYS B 129 13.01 8.01 -12.31
N LEU B 130 13.65 6.93 -11.90
CA LEU B 130 13.27 5.58 -12.31
C LEU B 130 12.10 5.08 -11.47
N GLN B 131 11.20 4.39 -12.15
CA GLN B 131 9.99 3.81 -11.53
C GLN B 131 10.21 2.31 -11.27
N GLY B 132 10.49 1.59 -12.35
CA GLY B 132 10.73 0.14 -12.31
C GLY B 132 11.15 -0.39 -13.68
N PHE B 133 11.25 -1.70 -13.75
CA PHE B 133 11.65 -2.41 -14.98
C PHE B 133 10.61 -3.46 -15.40
N GLN B 134 10.40 -3.50 -16.70
CA GLN B 134 9.50 -4.47 -17.35
C GLN B 134 10.33 -5.69 -17.73
N LEU B 135 9.80 -6.86 -17.46
CA LEU B 135 10.52 -8.11 -17.73
C LEU B 135 9.64 -9.11 -18.46
N THR B 136 10.12 -9.47 -19.65
CA THR B 136 9.45 -10.45 -20.52
C THR B 136 10.35 -11.69 -20.64
N HIS B 137 9.69 -12.83 -20.66
CA HIS B 137 10.37 -14.12 -20.77
C HIS B 137 9.38 -15.26 -20.60
N SER B 138 9.91 -16.44 -20.77
CA SER B 138 9.14 -17.68 -20.64
C SER B 138 9.80 -18.53 -19.58
N LEU B 139 8.97 -19.12 -18.73
CA LEU B 139 9.45 -19.95 -17.65
C LEU B 139 9.63 -21.39 -18.10
N GLY B 140 9.90 -21.57 -19.38
CA GLY B 140 10.10 -22.91 -19.91
C GLY B 140 11.33 -23.06 -20.78
N GLY B 141 12.46 -22.54 -20.30
CA GLY B 141 13.71 -22.60 -21.04
C GLY B 141 14.90 -22.05 -20.26
N GLY B 142 16.06 -22.03 -20.90
CA GLY B 142 17.25 -21.53 -20.23
C GLY B 142 17.29 -20.03 -20.13
N THR B 143 17.67 -19.37 -21.22
CA THR B 143 17.77 -17.92 -21.26
C THR B 143 16.55 -17.19 -20.72
N GLY B 144 15.46 -17.92 -20.54
CA GLY B 144 14.25 -17.28 -20.06
C GLY B 144 14.10 -17.36 -18.56
N SER B 145 13.80 -18.55 -18.07
CA SER B 145 13.59 -18.76 -16.65
C SER B 145 14.84 -18.62 -15.81
N GLY B 146 15.94 -19.23 -16.26
CA GLY B 146 17.17 -19.16 -15.50
C GLY B 146 17.85 -17.82 -15.54
N MET B 147 18.42 -17.48 -16.68
CA MET B 147 19.14 -16.22 -16.83
C MET B 147 18.32 -14.95 -16.60
N GLY B 148 17.03 -14.98 -16.92
CA GLY B 148 16.21 -13.80 -16.73
C GLY B 148 15.79 -13.71 -15.28
N THR B 149 15.66 -14.87 -14.65
CA THR B 149 15.26 -14.92 -13.26
C THR B 149 16.44 -14.52 -12.42
N LEU B 150 17.61 -14.48 -13.02
CA LEU B 150 18.81 -14.06 -12.29
C LEU B 150 18.87 -12.54 -12.44
N LEU B 151 18.70 -12.08 -13.67
CA LEU B 151 18.74 -10.68 -13.97
C LEU B 151 17.95 -9.91 -12.96
N ILE B 152 16.82 -10.46 -12.53
CA ILE B 152 16.01 -9.73 -11.56
C ILE B 152 16.56 -9.85 -10.15
N SER B 153 16.95 -11.05 -9.75
CA SER B 153 17.48 -11.25 -8.40
C SER B 153 18.61 -10.27 -8.13
N LYS B 154 19.24 -9.80 -9.21
CA LYS B 154 20.33 -8.83 -9.13
C LYS B 154 19.74 -7.43 -9.16
N ILE B 155 18.79 -7.21 -10.05
CA ILE B 155 18.11 -5.93 -10.15
C ILE B 155 17.54 -5.55 -8.76
N ARG B 156 16.80 -6.49 -8.16
CA ARG B 156 16.16 -6.29 -6.85
C ARG B 156 17.11 -6.19 -5.66
N GLU B 157 18.40 -6.08 -5.93
CA GLU B 157 19.40 -5.97 -4.88
C GLU B 157 20.02 -4.62 -5.10
N GLU B 158 19.89 -4.16 -6.34
CA GLU B 158 20.43 -2.89 -6.77
C GLU B 158 19.47 -1.72 -6.58
N TYR B 159 18.17 -1.99 -6.60
CA TYR B 159 17.21 -0.93 -6.39
C TYR B 159 15.93 -1.49 -5.78
N PRO B 160 16.02 -2.00 -4.55
CA PRO B 160 14.84 -2.56 -3.87
C PRO B 160 13.74 -1.50 -3.66
N ASP B 161 13.90 -0.38 -4.36
CA ASP B 161 12.97 0.72 -4.32
C ASP B 161 12.11 0.71 -5.58
N ARG B 162 12.75 0.77 -6.74
CA ARG B 162 12.01 0.77 -7.98
C ARG B 162 11.27 -0.55 -8.11
N ILE B 163 10.12 -0.53 -8.77
CA ILE B 163 9.29 -1.73 -8.94
C ILE B 163 9.80 -2.72 -9.98
N MET B 164 9.12 -3.86 -10.05
CA MET B 164 9.48 -4.94 -10.96
C MET B 164 8.28 -5.74 -11.50
N ASN B 165 7.79 -5.33 -12.65
CA ASN B 165 6.68 -6.02 -13.26
C ASN B 165 7.30 -7.15 -14.04
N THR B 166 6.67 -8.32 -13.96
CA THR B 166 7.18 -9.45 -14.68
C THR B 166 6.08 -10.04 -15.55
N PHE B 167 6.40 -10.18 -16.83
CA PHE B 167 5.50 -10.79 -17.80
C PHE B 167 6.04 -12.18 -18.12
N SER B 168 5.45 -13.18 -17.48
CA SER B 168 5.86 -14.56 -17.65
C SER B 168 4.89 -15.39 -18.50
N VAL B 169 5.46 -16.23 -19.35
CA VAL B 169 4.69 -17.09 -20.19
C VAL B 169 4.68 -18.47 -19.55
N VAL B 170 4.01 -18.55 -18.41
CA VAL B 170 3.87 -19.80 -17.68
C VAL B 170 3.52 -20.94 -18.66
N PRO B 171 4.14 -22.11 -18.45
CA PRO B 171 3.94 -23.32 -19.27
C PRO B 171 2.50 -23.69 -19.46
N SER B 172 2.03 -23.54 -20.69
CA SER B 172 0.65 -23.86 -21.05
C SER B 172 0.36 -25.31 -20.69
N PRO B 173 -0.89 -25.60 -20.29
CA PRO B 173 -1.27 -26.97 -19.94
C PRO B 173 -1.30 -27.98 -21.09
N LYS B 174 -2.49 -28.23 -21.63
CA LYS B 174 -2.70 -29.18 -22.73
C LYS B 174 -1.41 -29.75 -23.35
N VAL B 175 -0.59 -28.89 -23.95
CA VAL B 175 0.67 -29.34 -24.56
C VAL B 175 1.83 -28.44 -24.18
N SER B 176 2.95 -29.06 -23.80
CA SER B 176 4.14 -28.30 -23.43
C SER B 176 5.11 -28.18 -24.58
N ASP B 177 5.44 -26.96 -24.94
CA ASP B 177 6.34 -26.68 -26.06
C ASP B 177 7.78 -27.00 -25.76
N THR B 178 7.97 -27.75 -24.67
CA THR B 178 9.29 -28.20 -24.23
C THR B 178 9.07 -29.42 -23.36
N VAL B 179 10.14 -30.07 -22.90
CA VAL B 179 9.98 -31.28 -22.10
C VAL B 179 10.27 -31.16 -20.62
N VAL B 180 11.30 -30.42 -20.27
CA VAL B 180 11.65 -30.27 -18.87
C VAL B 180 10.81 -29.15 -18.28
N GLU B 181 10.18 -28.39 -19.16
CA GLU B 181 9.31 -27.28 -18.82
C GLU B 181 9.10 -27.04 -17.32
N PRO B 182 8.46 -27.98 -16.59
CA PRO B 182 8.24 -27.80 -15.15
C PRO B 182 9.52 -27.58 -14.35
N TYR B 183 10.64 -28.04 -14.92
CA TYR B 183 11.93 -27.86 -14.29
C TYR B 183 12.32 -26.40 -14.45
N ASN B 184 12.44 -25.96 -15.70
CA ASN B 184 12.78 -24.57 -15.96
C ASN B 184 11.76 -23.63 -15.31
N ALA B 185 10.51 -24.09 -15.19
CA ALA B 185 9.45 -23.27 -14.62
C ALA B 185 9.51 -23.18 -13.11
N THR B 186 9.19 -24.28 -12.45
CA THR B 186 9.20 -24.29 -11.01
C THR B 186 10.39 -23.51 -10.47
N LEU B 187 11.52 -23.64 -11.15
CA LEU B 187 12.73 -22.95 -10.73
C LEU B 187 12.71 -21.44 -10.92
N SER B 188 11.98 -20.97 -11.92
CA SER B 188 11.92 -19.54 -12.15
C SER B 188 10.83 -18.87 -11.33
N VAL B 189 9.68 -19.53 -11.16
CA VAL B 189 8.58 -18.97 -10.36
C VAL B 189 9.09 -18.69 -8.95
N HIS B 190 9.91 -19.62 -8.48
CA HIS B 190 10.57 -19.57 -7.19
C HIS B 190 11.21 -18.17 -7.06
N GLN B 191 12.11 -17.85 -8.01
CA GLN B 191 12.85 -16.57 -8.07
C GLN B 191 11.91 -15.37 -8.17
N LEU B 192 10.77 -15.56 -8.83
CA LEU B 192 9.78 -14.53 -9.02
C LEU B 192 9.07 -14.16 -7.72
N VAL B 193 8.49 -15.16 -7.05
CA VAL B 193 7.76 -15.01 -5.78
C VAL B 193 8.63 -14.31 -4.76
N GLU B 194 9.86 -14.01 -5.14
CA GLU B 194 10.76 -13.42 -4.18
C GLU B 194 11.66 -12.29 -4.65
N ASN B 195 11.25 -11.63 -5.73
CA ASN B 195 11.99 -10.49 -6.24
C ASN B 195 11.02 -9.53 -6.93
N THR B 196 10.55 -9.84 -8.13
CA THR B 196 9.58 -8.94 -8.79
C THR B 196 8.34 -8.77 -7.91
N ASP B 197 7.62 -7.66 -8.02
CA ASP B 197 6.43 -7.47 -7.18
C ASP B 197 5.11 -7.28 -7.92
N GLU B 198 5.11 -7.68 -9.20
CA GLU B 198 3.94 -7.62 -10.08
C GLU B 198 4.27 -8.53 -11.27
N THR B 199 3.54 -9.63 -11.39
CA THR B 199 3.76 -10.58 -12.47
C THR B 199 2.50 -10.80 -13.27
N TYR B 200 2.62 -10.70 -14.59
CA TYR B 200 1.47 -10.92 -15.47
C TYR B 200 1.72 -12.19 -16.32
N CYS B 201 1.14 -13.30 -15.85
CA CYS B 201 1.25 -14.62 -16.47
C CYS B 201 0.34 -14.87 -17.66
N ILE B 202 0.96 -15.13 -18.80
CA ILE B 202 0.25 -15.36 -20.04
C ILE B 202 0.46 -16.81 -20.49
N ASP B 203 -0.55 -17.39 -21.12
CA ASP B 203 -0.51 -18.79 -21.58
C ASP B 203 -0.75 -18.96 -23.08
N ASN B 204 0.29 -19.36 -23.79
CA ASN B 204 0.19 -19.54 -25.22
C ASN B 204 -1.10 -20.19 -25.70
N GLU B 205 -1.72 -21.02 -24.87
CA GLU B 205 -2.97 -21.69 -25.25
C GLU B 205 -4.23 -20.98 -24.73
N ALA B 206 -4.05 -20.11 -23.75
CA ALA B 206 -5.17 -19.36 -23.25
C ALA B 206 -5.39 -18.31 -24.32
N LEU B 207 -4.29 -17.97 -25.00
CA LEU B 207 -4.28 -16.99 -26.08
C LEU B 207 -4.91 -17.58 -27.31
N TYR B 208 -4.38 -18.71 -27.77
CA TYR B 208 -4.93 -19.36 -28.93
C TYR B 208 -6.43 -19.26 -28.77
N ASP B 209 -6.97 -19.96 -27.78
CA ASP B 209 -8.39 -19.94 -27.52
C ASP B 209 -8.92 -18.55 -27.73
N ILE B 210 -8.57 -17.65 -26.82
CA ILE B 210 -9.01 -16.27 -26.87
C ILE B 210 -8.70 -15.60 -28.20
N CYS B 211 -7.87 -16.24 -29.02
CA CYS B 211 -7.47 -15.69 -30.30
C CYS B 211 -8.09 -16.40 -31.49
N PHE B 212 -8.65 -17.58 -31.25
CA PHE B 212 -9.26 -18.36 -32.31
C PHE B 212 -10.79 -18.40 -32.17
N ARG B 213 -11.31 -17.97 -31.03
CA ARG B 213 -12.75 -17.97 -30.84
C ARG B 213 -13.26 -16.55 -30.51
N THR B 214 -12.38 -15.68 -30.01
CA THR B 214 -12.76 -14.32 -29.67
C THR B 214 -12.27 -13.40 -30.79
N LEU B 215 -11.60 -14.02 -31.75
CA LEU B 215 -11.07 -13.41 -32.96
C LEU B 215 -11.19 -14.64 -33.83
N LYS B 216 -12.21 -14.68 -34.68
CA LYS B 216 -12.41 -15.84 -35.54
C LYS B 216 -11.11 -16.24 -36.25
N LEU B 217 -10.01 -15.59 -35.88
CA LEU B 217 -8.70 -15.85 -36.46
C LEU B 217 -8.40 -17.36 -36.55
N THR B 218 -8.28 -17.86 -37.78
CA THR B 218 -8.03 -19.28 -38.03
C THR B 218 -6.54 -19.70 -38.00
N THR B 219 -5.63 -18.80 -38.35
CA THR B 219 -4.21 -19.11 -38.34
C THR B 219 -3.46 -18.17 -37.39
N PRO B 220 -3.65 -18.35 -36.09
CA PRO B 220 -2.99 -17.51 -35.09
C PRO B 220 -1.49 -17.78 -34.97
N THR B 221 -0.71 -17.11 -35.79
CA THR B 221 0.72 -17.27 -35.74
C THR B 221 1.22 -16.76 -34.39
N TYR B 222 2.48 -17.04 -34.05
CA TYR B 222 3.02 -16.55 -32.79
C TYR B 222 2.93 -15.04 -32.79
N GLY B 223 3.44 -14.42 -33.85
CA GLY B 223 3.41 -12.98 -33.97
C GLY B 223 2.14 -12.42 -33.36
N ASP B 224 1.04 -13.10 -33.66
CA ASP B 224 -0.26 -12.69 -33.15
C ASP B 224 -0.27 -12.76 -31.64
N LEU B 225 -0.26 -13.97 -31.10
CA LEU B 225 -0.28 -14.15 -29.66
C LEU B 225 0.51 -13.02 -29.05
N ASN B 226 1.78 -12.95 -29.43
CA ASN B 226 2.69 -11.92 -28.94
C ASN B 226 2.00 -10.57 -29.03
N HIS B 227 1.50 -10.27 -30.22
CA HIS B 227 0.83 -9.03 -30.48
C HIS B 227 -0.31 -8.75 -29.48
N LEU B 228 -1.12 -9.76 -29.21
CA LEU B 228 -2.21 -9.61 -28.27
C LEU B 228 -1.69 -9.26 -26.88
N VAL B 229 -0.70 -10.02 -26.46
CA VAL B 229 -0.07 -9.83 -25.15
C VAL B 229 0.43 -8.39 -25.02
N SER B 230 1.30 -8.04 -25.96
CA SER B 230 1.92 -6.70 -26.02
C SER B 230 0.86 -5.60 -25.96
N ALA B 231 -0.35 -5.97 -26.33
CA ALA B 231 -1.49 -5.05 -26.34
C ALA B 231 -1.90 -4.71 -24.90
N THR B 232 -1.77 -5.70 -24.04
CA THR B 232 -2.14 -5.59 -22.62
C THR B 232 -1.08 -4.83 -21.82
N MET B 233 0.17 -5.17 -22.07
CA MET B 233 1.29 -4.55 -21.34
C MET B 233 1.43 -3.06 -21.71
N SER B 234 0.74 -2.67 -22.77
CA SER B 234 0.74 -1.27 -23.23
C SER B 234 -0.34 -0.50 -22.48
N GLY B 235 -1.43 -1.19 -22.23
CA GLY B 235 -2.58 -0.66 -21.50
C GLY B 235 -2.18 -0.39 -20.04
N VAL B 236 -1.38 -1.32 -19.54
CA VAL B 236 -0.87 -1.28 -18.17
C VAL B 236 -0.02 -0.03 -17.95
N THR B 237 1.26 -0.22 -18.26
CA THR B 237 2.27 0.84 -18.11
C THR B 237 1.92 2.06 -18.97
N THR B 238 2.74 2.23 -19.99
CA THR B 238 2.65 3.35 -20.95
C THR B 238 1.35 4.13 -20.82
N CYS B 239 0.25 3.39 -20.90
CA CYS B 239 -1.07 3.98 -20.79
C CYS B 239 -1.17 4.93 -19.62
N LEU B 240 -1.10 4.38 -18.41
CA LEU B 240 -1.22 5.19 -17.21
C LEU B 240 -0.25 6.35 -17.14
N ARG B 241 0.73 6.35 -18.03
CA ARG B 241 1.68 7.43 -18.07
C ARG B 241 1.12 8.46 -19.02
N PHE B 242 -0.21 8.46 -19.08
CA PHE B 242 -0.99 9.38 -19.88
C PHE B 242 -1.91 10.05 -18.88
N PRO B 243 -2.59 11.13 -19.30
CA PRO B 243 -3.49 11.83 -18.39
C PRO B 243 -4.71 10.96 -18.12
N GLY B 244 -5.63 11.44 -17.30
CA GLY B 244 -6.82 10.69 -16.99
C GLY B 244 -7.60 11.35 -15.87
N GLN B 245 -8.91 11.14 -15.86
CA GLN B 245 -9.72 11.74 -14.81
C GLN B 245 -9.18 11.15 -13.53
N LEU B 246 -8.92 9.85 -13.55
CA LEU B 246 -8.38 9.14 -12.42
C LEU B 246 -7.26 8.24 -12.89
N ASN B 247 -6.03 8.74 -12.88
CA ASN B 247 -4.92 7.94 -13.35
C ASN B 247 -4.17 7.31 -12.21
N ALA B 248 -3.51 6.21 -12.54
CA ALA B 248 -2.71 5.48 -11.59
C ALA B 248 -1.36 5.26 -12.28
N ASP B 249 -0.48 4.48 -11.66
CA ASP B 249 0.84 4.19 -12.21
C ASP B 249 1.41 3.02 -11.44
N LEU B 250 2.13 2.15 -12.13
CA LEU B 250 2.74 0.96 -11.54
C LEU B 250 2.50 0.81 -10.06
N ARG B 251 2.92 1.79 -9.27
CA ARG B 251 2.71 1.66 -7.85
C ARG B 251 1.22 1.55 -7.51
N LYS B 252 0.42 2.57 -7.83
CA LYS B 252 -1.01 2.49 -7.52
C LYS B 252 -1.40 1.06 -7.81
N LEU B 253 -1.13 0.63 -9.05
CA LEU B 253 -1.43 -0.72 -9.50
C LEU B 253 -0.87 -1.73 -8.51
N ALA B 254 0.35 -1.48 -8.07
CA ALA B 254 0.96 -2.39 -7.12
C ALA B 254 0.35 -2.20 -5.74
N VAL B 255 0.30 -0.96 -5.26
CA VAL B 255 -0.23 -0.69 -3.94
C VAL B 255 -1.73 -0.86 -3.77
N ASN B 256 -2.40 -1.38 -4.79
CA ASN B 256 -3.85 -1.59 -4.71
C ASN B 256 -4.12 -3.03 -5.05
N MET B 257 -3.10 -3.71 -5.56
CA MET B 257 -3.29 -5.07 -5.99
C MET B 257 -2.62 -6.15 -5.20
N VAL B 258 -1.65 -5.78 -4.37
CA VAL B 258 -0.97 -6.81 -3.63
C VAL B 258 -1.27 -6.73 -2.15
N PRO B 259 -2.21 -7.54 -1.68
CA PRO B 259 -2.55 -7.51 -0.25
C PRO B 259 -1.41 -8.12 0.54
N PHE B 260 -0.80 -9.18 0.02
CA PHE B 260 0.28 -9.81 0.78
C PHE B 260 1.55 -10.09 -0.02
N PRO B 261 2.65 -9.46 0.40
CA PRO B 261 4.03 -9.47 -0.08
C PRO B 261 4.55 -10.56 -0.99
N ARG B 262 3.87 -11.70 -1.09
CA ARG B 262 4.38 -12.75 -1.98
C ARG B 262 4.85 -12.11 -3.27
N LEU B 263 4.01 -11.23 -3.80
CA LEU B 263 4.24 -10.48 -5.03
C LEU B 263 2.98 -10.74 -5.81
N HIS B 264 2.50 -11.96 -5.69
CA HIS B 264 1.29 -12.34 -6.38
C HIS B 264 1.33 -12.07 -7.86
N PHE B 265 0.67 -12.95 -8.59
CA PHE B 265 0.64 -12.89 -10.01
C PHE B 265 -0.76 -12.59 -10.43
N PHE B 266 -0.86 -11.86 -11.53
CA PHE B 266 -2.14 -11.43 -12.06
C PHE B 266 -2.45 -12.16 -13.34
N MET B 267 -3.49 -11.69 -14.02
CA MET B 267 -3.89 -12.30 -15.28
C MET B 267 -4.49 -11.17 -16.05
N PRO B 268 -3.76 -10.67 -17.06
CA PRO B 268 -4.24 -9.55 -17.88
C PRO B 268 -5.34 -9.89 -18.89
N GLY B 269 -6.20 -8.92 -19.16
CA GLY B 269 -7.30 -9.09 -20.10
C GLY B 269 -7.55 -7.77 -20.80
N PHE B 270 -7.65 -7.82 -22.14
CA PHE B 270 -7.89 -6.62 -22.91
C PHE B 270 -9.39 -6.42 -23.08
N ALA B 271 -9.79 -5.20 -23.46
CA ALA B 271 -11.21 -4.91 -23.63
C ALA B 271 -11.79 -5.21 -25.00
N PRO B 272 -11.75 -4.22 -25.93
CA PRO B 272 -12.36 -4.57 -27.22
C PRO B 272 -11.61 -5.68 -27.89
N LEU B 273 -12.16 -6.89 -27.82
CA LEU B 273 -11.50 -7.99 -28.48
C LEU B 273 -12.49 -8.60 -29.44
N THR B 274 -12.80 -7.85 -30.49
CA THR B 274 -13.75 -8.30 -31.50
C THR B 274 -13.07 -8.60 -32.85
N SER B 275 -13.57 -9.58 -33.56
CA SER B 275 -13.02 -9.96 -34.87
C SER B 275 -13.08 -8.77 -35.81
N ARG B 276 -12.18 -8.70 -36.77
CA ARG B 276 -12.14 -7.53 -37.68
C ARG B 276 -13.45 -7.01 -38.27
N GLY B 277 -13.67 -7.24 -39.56
CA GLY B 277 -14.88 -6.75 -40.21
C GLY B 277 -16.17 -6.79 -39.41
N SER B 278 -16.99 -7.81 -39.65
CA SER B 278 -18.27 -8.03 -38.97
C SER B 278 -18.37 -7.54 -37.55
N GLN B 279 -17.99 -8.39 -36.62
CA GLN B 279 -18.02 -8.12 -35.19
C GLN B 279 -17.97 -6.64 -34.79
N GLN B 280 -17.21 -5.82 -35.55
CA GLN B 280 -17.03 -4.37 -35.35
C GLN B 280 -18.41 -3.80 -35.05
N TYR B 281 -18.91 -4.30 -33.92
CA TYR B 281 -20.19 -3.99 -33.38
C TYR B 281 -20.22 -2.70 -32.66
N ARG B 282 -19.05 -2.26 -32.19
CA ARG B 282 -18.97 -1.01 -31.47
C ARG B 282 -19.69 -1.09 -30.16
N ALA B 283 -20.27 -2.25 -29.83
CA ALA B 283 -20.95 -2.36 -28.54
C ALA B 283 -19.78 -2.19 -27.59
N LEU B 284 -19.43 -0.93 -27.33
CA LEU B 284 -18.33 -0.61 -26.46
C LEU B 284 -18.77 0.54 -25.58
N THR B 285 -20.08 0.73 -25.37
CA THR B 285 -20.54 1.85 -24.55
C THR B 285 -19.76 1.82 -23.23
N VAL B 286 -19.58 0.63 -22.66
CA VAL B 286 -18.84 0.37 -21.42
C VAL B 286 -19.32 -0.93 -20.80
N PRO B 287 -20.63 -1.08 -20.62
CA PRO B 287 -21.06 -2.36 -20.04
C PRO B 287 -20.53 -3.46 -20.90
N GLU B 288 -20.18 -3.13 -22.13
CA GLU B 288 -19.68 -4.11 -23.04
C GLU B 288 -18.25 -4.45 -22.74
N LEU B 289 -17.49 -3.49 -22.24
CA LEU B 289 -16.09 -3.74 -21.88
C LEU B 289 -16.00 -4.56 -20.59
N THR B 290 -16.81 -4.22 -19.60
CA THR B 290 -16.79 -4.98 -18.37
C THR B 290 -17.38 -6.34 -18.68
N GLN B 291 -18.32 -6.39 -19.62
CA GLN B 291 -18.88 -7.66 -19.97
C GLN B 291 -17.66 -8.48 -20.36
N GLN B 292 -16.92 -7.97 -21.34
CA GLN B 292 -15.72 -8.62 -21.83
C GLN B 292 -14.83 -8.98 -20.65
N MET B 293 -13.87 -8.10 -20.37
CA MET B 293 -12.90 -8.24 -19.29
C MET B 293 -13.23 -9.25 -18.19
N PHE B 294 -14.42 -9.17 -17.62
CA PHE B 294 -14.78 -10.06 -16.53
C PHE B 294 -15.32 -11.43 -16.82
N ASP B 295 -15.30 -11.86 -18.09
CA ASP B 295 -15.79 -13.20 -18.39
C ASP B 295 -14.63 -14.17 -18.18
N ALA B 296 -14.92 -15.47 -18.21
CA ALA B 296 -13.88 -16.47 -18.04
C ALA B 296 -12.98 -16.27 -19.25
N LYS B 297 -13.32 -16.91 -20.37
CA LYS B 297 -12.52 -16.74 -21.56
C LYS B 297 -12.26 -15.26 -21.65
N ASN B 298 -11.09 -14.92 -22.16
CA ASN B 298 -10.64 -13.54 -22.31
C ASN B 298 -9.62 -13.22 -21.25
N MET B 299 -9.30 -14.19 -20.40
CA MET B 299 -8.28 -14.01 -19.38
C MET B 299 -7.03 -14.70 -19.91
N MET B 300 -6.05 -13.90 -20.34
CA MET B 300 -4.83 -14.46 -20.90
C MET B 300 -4.25 -15.61 -20.11
N ALA B 301 -4.68 -15.75 -18.86
CA ALA B 301 -4.24 -16.83 -18.01
C ALA B 301 -4.88 -18.12 -18.50
N ALA B 302 -4.46 -19.25 -17.94
CA ALA B 302 -5.02 -20.52 -18.35
C ALA B 302 -6.23 -20.78 -17.50
N CYS B 303 -6.05 -20.59 -16.20
CA CYS B 303 -7.13 -20.83 -15.28
C CYS B 303 -8.30 -19.89 -15.52
N ASP B 304 -9.44 -20.29 -15.00
CA ASP B 304 -10.66 -19.51 -15.13
C ASP B 304 -11.07 -18.89 -13.79
N PRO B 305 -11.18 -17.56 -13.76
CA PRO B 305 -11.56 -16.80 -12.57
C PRO B 305 -12.71 -17.45 -11.84
N ARG B 306 -13.70 -17.87 -12.62
CA ARG B 306 -14.89 -18.50 -12.07
C ARG B 306 -14.53 -19.64 -11.13
N HIS B 307 -13.25 -20.01 -11.12
CA HIS B 307 -12.76 -21.11 -10.27
C HIS B 307 -12.05 -20.64 -9.01
N GLY B 308 -12.27 -19.38 -8.62
CA GLY B 308 -11.62 -18.87 -7.43
C GLY B 308 -11.76 -17.36 -7.28
N ARG B 309 -12.09 -16.92 -6.07
CA ARG B 309 -12.27 -15.50 -5.75
C ARG B 309 -11.16 -14.62 -6.29
N TYR B 310 -11.37 -13.32 -6.15
CA TYR B 310 -10.39 -12.34 -6.56
C TYR B 310 -9.97 -11.61 -5.29
N LEU B 311 -8.80 -11.00 -5.31
CA LEU B 311 -8.34 -10.24 -4.16
C LEU B 311 -8.41 -8.82 -4.62
N THR B 312 -7.95 -8.60 -5.83
CA THR B 312 -7.96 -7.26 -6.38
C THR B 312 -8.17 -7.33 -7.87
N VAL B 313 -8.62 -6.21 -8.40
CA VAL B 313 -8.87 -6.11 -9.81
C VAL B 313 -8.57 -4.66 -10.18
N ALA B 314 -8.06 -4.46 -11.38
CA ALA B 314 -7.71 -3.13 -11.81
C ALA B 314 -8.12 -2.92 -13.24
N ALA B 315 -9.28 -2.32 -13.44
CA ALA B 315 -9.73 -2.06 -14.79
C ALA B 315 -9.07 -0.78 -15.17
N VAL B 316 -7.98 -0.89 -15.91
CA VAL B 316 -7.28 0.30 -16.33
C VAL B 316 -7.85 0.70 -17.71
N PHE B 317 -8.96 1.45 -17.71
CA PHE B 317 -9.60 1.90 -18.94
C PHE B 317 -8.79 3.05 -19.53
N ARG B 318 -8.92 3.25 -20.83
CA ARG B 318 -8.20 4.34 -21.52
C ARG B 318 -8.98 4.79 -22.75
N GLY B 319 -9.98 5.64 -22.53
CA GLY B 319 -10.82 6.17 -23.59
C GLY B 319 -11.92 6.95 -22.91
N ARG B 320 -12.19 8.17 -23.36
CA ARG B 320 -13.22 9.03 -22.74
C ARG B 320 -14.55 8.35 -22.36
N MET B 321 -14.83 8.34 -21.05
CA MET B 321 -16.04 7.73 -20.49
C MET B 321 -16.44 8.42 -19.18
N SER B 322 -17.66 8.15 -18.76
CA SER B 322 -18.24 8.72 -17.55
C SER B 322 -17.78 8.05 -16.27
N MET B 323 -17.10 8.82 -15.44
CA MET B 323 -16.62 8.33 -14.16
C MET B 323 -17.80 7.80 -13.38
N LYS B 324 -18.97 7.93 -13.98
CA LYS B 324 -20.20 7.44 -13.38
C LYS B 324 -20.51 6.08 -13.97
N GLU B 325 -20.56 5.98 -15.29
CA GLU B 325 -20.87 4.69 -15.92
C GLU B 325 -19.73 3.70 -15.76
N VAL B 326 -18.62 4.20 -15.22
CA VAL B 326 -17.45 3.36 -14.97
C VAL B 326 -17.55 2.94 -13.53
N ASP B 327 -17.48 3.93 -12.65
CA ASP B 327 -17.56 3.67 -11.24
C ASP B 327 -18.79 2.85 -10.91
N GLU B 328 -19.86 3.07 -11.66
CA GLU B 328 -21.11 2.34 -11.42
C GLU B 328 -21.04 0.87 -11.82
N GLN B 329 -20.85 0.62 -13.10
CA GLN B 329 -20.76 -0.73 -13.63
C GLN B 329 -19.99 -1.62 -12.66
N MET B 330 -18.75 -1.22 -12.40
CA MET B 330 -17.85 -1.94 -11.49
C MET B 330 -18.58 -2.51 -10.29
N LEU B 331 -19.55 -1.75 -9.80
CA LEU B 331 -20.33 -2.14 -8.64
C LEU B 331 -21.22 -3.36 -8.89
N ASN B 332 -22.20 -3.20 -9.77
CA ASN B 332 -23.09 -4.31 -10.08
C ASN B 332 -22.22 -5.53 -10.26
N VAL B 333 -21.15 -5.36 -11.03
CA VAL B 333 -20.24 -6.46 -11.26
C VAL B 333 -19.79 -7.05 -9.94
N GLN B 334 -19.51 -6.19 -8.97
CA GLN B 334 -19.07 -6.62 -7.64
C GLN B 334 -20.19 -7.26 -6.84
N ASN B 335 -21.43 -7.06 -7.27
CA ASN B 335 -22.57 -7.62 -6.55
C ASN B 335 -23.18 -8.84 -7.24
N LYS B 336 -23.14 -8.86 -8.57
CA LYS B 336 -23.69 -9.99 -9.30
C LYS B 336 -22.80 -11.20 -9.02
N ASN B 337 -21.55 -10.94 -8.67
CA ASN B 337 -20.60 -12.01 -8.43
C ASN B 337 -19.98 -11.95 -7.04
N SER B 338 -20.74 -11.46 -6.07
CA SER B 338 -20.27 -11.36 -4.69
C SER B 338 -19.63 -12.69 -4.31
N SER B 339 -20.20 -13.76 -4.85
CA SER B 339 -19.74 -15.12 -4.62
C SER B 339 -18.22 -15.11 -4.75
N TYR B 340 -17.71 -14.91 -5.96
CA TYR B 340 -16.28 -14.88 -6.15
C TYR B 340 -15.74 -13.49 -6.37
N PHE B 341 -15.19 -12.95 -5.29
CA PHE B 341 -14.63 -11.61 -5.29
C PHE B 341 -14.07 -11.31 -3.92
N VAL B 342 -13.99 -12.33 -3.07
CA VAL B 342 -13.48 -12.22 -1.70
C VAL B 342 -14.20 -11.09 -0.96
N GLU B 343 -14.40 -11.25 0.34
CA GLU B 343 -15.15 -10.23 1.08
C GLU B 343 -14.36 -9.27 1.94
N TRP B 344 -13.32 -9.74 2.61
CA TRP B 344 -12.55 -8.86 3.48
C TRP B 344 -11.92 -7.65 2.80
N ILE B 345 -12.40 -7.34 1.61
CA ILE B 345 -11.98 -6.16 0.87
C ILE B 345 -13.28 -5.58 0.35
N PRO B 346 -13.78 -4.56 1.04
CA PRO B 346 -15.03 -3.93 0.61
C PRO B 346 -15.08 -3.57 -0.88
N ASN B 347 -13.99 -3.03 -1.41
CA ASN B 347 -13.96 -2.66 -2.82
C ASN B 347 -12.73 -3.23 -3.51
N ASN B 348 -12.82 -4.51 -3.89
CA ASN B 348 -11.72 -5.20 -4.54
C ASN B 348 -11.22 -4.42 -5.74
N VAL B 349 -12.17 -4.03 -6.57
CA VAL B 349 -11.86 -3.31 -7.78
C VAL B 349 -11.15 -1.98 -7.62
N LYS B 350 -10.19 -1.75 -8.51
CA LYS B 350 -9.41 -0.52 -8.54
C LYS B 350 -9.69 0.07 -9.91
N THR B 351 -10.65 0.98 -9.97
CA THR B 351 -10.99 1.62 -11.22
C THR B 351 -9.92 2.63 -11.54
N ALA B 352 -9.45 2.59 -12.78
CA ALA B 352 -8.42 3.48 -13.26
C ALA B 352 -8.97 4.03 -14.54
N VAL B 353 -8.65 5.28 -14.86
CA VAL B 353 -9.19 5.86 -16.09
C VAL B 353 -8.31 6.88 -16.80
N CYS B 354 -7.72 6.42 -17.89
CA CYS B 354 -6.88 7.26 -18.73
C CYS B 354 -7.85 8.09 -19.57
N ASP B 355 -7.33 8.74 -20.61
CA ASP B 355 -8.16 9.53 -21.50
C ASP B 355 -7.95 9.01 -22.91
N ILE B 356 -6.82 9.33 -23.51
CA ILE B 356 -6.54 8.87 -24.86
C ILE B 356 -6.57 7.35 -24.90
N PRO B 357 -7.26 6.77 -25.90
CA PRO B 357 -7.38 5.33 -26.06
C PRO B 357 -6.34 4.73 -27.01
N PRO B 358 -6.43 3.41 -27.26
CA PRO B 358 -5.46 2.78 -28.16
C PRO B 358 -5.62 3.40 -29.54
N ARG B 359 -4.57 4.12 -29.95
CA ARG B 359 -4.52 4.82 -31.23
C ARG B 359 -5.79 4.72 -32.08
N GLY B 360 -6.00 3.59 -32.74
CA GLY B 360 -7.17 3.46 -33.61
C GLY B 360 -8.52 3.11 -33.04
N LEU B 361 -8.59 2.91 -31.74
CA LEU B 361 -9.86 2.52 -31.11
C LEU B 361 -10.53 3.65 -30.35
N LYS B 362 -11.83 3.49 -30.08
CA LYS B 362 -12.60 4.51 -29.36
C LYS B 362 -12.57 4.33 -27.85
N MET B 363 -12.60 3.08 -27.39
CA MET B 363 -12.59 2.81 -25.97
C MET B 363 -12.11 1.40 -25.65
N SER B 364 -11.14 1.32 -24.76
CA SER B 364 -10.55 0.06 -24.30
C SER B 364 -10.38 0.09 -22.79
N ALA B 365 -9.92 -1.02 -22.22
CA ALA B 365 -9.71 -1.14 -20.78
C ALA B 365 -8.94 -2.40 -20.40
N THR B 366 -7.70 -2.21 -19.99
CA THR B 366 -6.88 -3.32 -19.59
C THR B 366 -7.35 -3.84 -18.24
N PHE B 367 -7.30 -5.15 -18.07
CA PHE B 367 -7.74 -5.80 -16.85
C PHE B 367 -6.56 -6.52 -16.22
N ILE B 368 -6.34 -6.25 -14.95
CA ILE B 368 -5.24 -6.88 -14.25
C ILE B 368 -5.83 -7.52 -13.04
N GLY B 369 -6.14 -8.80 -13.13
CA GLY B 369 -6.76 -9.49 -12.02
C GLY B 369 -5.84 -10.29 -11.11
N ASN B 370 -6.05 -10.13 -9.81
CA ASN B 370 -5.27 -10.86 -8.82
C ASN B 370 -6.13 -11.93 -8.22
N SER B 371 -6.63 -12.84 -9.03
CA SER B 371 -7.49 -13.87 -8.47
C SER B 371 -6.78 -15.08 -7.92
N THR B 372 -7.43 -15.68 -6.94
CA THR B 372 -6.96 -16.85 -6.22
C THR B 372 -7.04 -18.04 -7.13
N ALA B 373 -7.61 -17.84 -8.30
CA ALA B 373 -7.75 -18.91 -9.26
C ALA B 373 -6.41 -19.39 -9.75
N ILE B 374 -5.44 -18.48 -9.83
CA ILE B 374 -4.14 -18.86 -10.33
C ILE B 374 -3.48 -19.87 -9.45
N GLN B 375 -4.21 -20.33 -8.46
CA GLN B 375 -3.71 -21.36 -7.57
C GLN B 375 -3.64 -22.61 -8.46
N GLU B 376 -4.74 -22.87 -9.15
CA GLU B 376 -4.85 -23.98 -10.06
C GLU B 376 -3.96 -23.92 -11.27
N LEU B 377 -2.76 -23.36 -11.13
CA LEU B 377 -1.83 -23.34 -12.26
C LEU B 377 -0.48 -23.71 -11.73
N PHE B 378 -0.14 -23.11 -10.59
CA PHE B 378 1.12 -23.41 -9.96
C PHE B 378 0.96 -24.82 -9.46
N LYS B 379 -0.29 -25.23 -9.26
CA LYS B 379 -0.57 -26.60 -8.85
C LYS B 379 -0.07 -27.43 -10.01
N ARG B 380 -0.67 -27.17 -11.16
CA ARG B 380 -0.32 -27.86 -12.39
C ARG B 380 1.18 -28.00 -12.45
N ILE B 381 1.86 -26.89 -12.69
CA ILE B 381 3.30 -26.87 -12.76
C ILE B 381 3.90 -27.76 -11.69
N SER B 382 3.63 -27.41 -10.43
CA SER B 382 4.16 -28.16 -9.31
C SER B 382 3.92 -29.65 -9.45
N GLU B 383 2.77 -30.05 -9.97
CA GLU B 383 2.51 -31.47 -10.17
C GLU B 383 3.54 -32.05 -11.15
N GLN B 384 3.51 -31.56 -12.38
CA GLN B 384 4.44 -32.01 -13.43
C GLN B 384 5.84 -32.24 -12.88
N PHE B 385 6.27 -31.35 -12.00
CA PHE B 385 7.59 -31.46 -11.41
C PHE B 385 7.70 -32.80 -10.72
N THR B 386 7.10 -32.89 -9.53
CA THR B 386 7.09 -34.11 -8.75
C THR B 386 6.98 -35.41 -9.57
N ALA B 387 5.99 -35.48 -10.46
CA ALA B 387 5.78 -36.68 -11.27
C ALA B 387 7.04 -37.07 -12.01
N MET B 388 7.89 -36.07 -12.30
CA MET B 388 9.14 -36.32 -13.01
C MET B 388 10.35 -36.17 -12.14
N PHE B 389 10.22 -35.34 -11.12
CA PHE B 389 11.33 -35.17 -10.24
C PHE B 389 11.49 -36.53 -9.61
N ARG B 390 10.41 -37.05 -9.04
CA ARG B 390 10.47 -38.35 -8.41
C ARG B 390 11.48 -39.29 -9.09
N ARG B 391 11.52 -39.27 -10.42
CA ARG B 391 12.44 -40.15 -11.13
C ARG B 391 13.69 -39.43 -11.64
N LYS B 392 13.85 -38.18 -11.22
CA LYS B 392 15.01 -37.36 -11.59
C LYS B 392 15.20 -37.27 -13.09
N ALA B 393 14.09 -37.46 -13.82
CA ALA B 393 14.05 -37.46 -15.28
C ALA B 393 15.24 -36.83 -15.94
N PHE B 394 15.10 -35.65 -16.51
CA PHE B 394 16.25 -35.03 -17.16
C PHE B 394 16.99 -34.16 -16.16
N LEU B 395 17.34 -34.76 -15.04
CA LEU B 395 18.03 -34.01 -14.03
C LEU B 395 19.53 -33.91 -14.27
N HIS B 396 20.11 -34.92 -14.91
CA HIS B 396 21.55 -34.88 -15.14
C HIS B 396 22.00 -33.65 -15.95
N TRP B 397 21.10 -33.07 -16.72
CA TRP B 397 21.42 -31.89 -17.52
C TRP B 397 21.48 -30.66 -16.64
N TYR B 398 20.99 -30.80 -15.41
CA TYR B 398 21.01 -29.68 -14.48
C TYR B 398 22.23 -29.86 -13.61
N THR B 399 22.22 -30.92 -12.80
CA THR B 399 23.34 -31.22 -11.91
C THR B 399 24.66 -31.16 -12.67
N GLY B 400 24.74 -31.89 -13.78
CA GLY B 400 25.95 -31.92 -14.59
C GLY B 400 26.40 -30.52 -14.99
N GLU B 401 25.56 -29.53 -14.67
CA GLU B 401 25.85 -28.14 -14.98
C GLU B 401 26.14 -27.42 -13.68
N GLY B 402 26.44 -28.17 -12.64
CA GLY B 402 26.71 -27.54 -11.37
C GLY B 402 25.40 -27.02 -10.80
N MET B 403 24.61 -27.95 -10.25
CA MET B 403 23.34 -27.62 -9.64
C MET B 403 23.30 -28.39 -8.33
N ASP B 404 22.14 -28.47 -7.72
CA ASP B 404 22.01 -29.17 -6.45
C ASP B 404 20.69 -29.96 -6.41
N GLU B 405 20.72 -31.10 -5.72
CA GLU B 405 19.53 -31.95 -5.59
C GLU B 405 18.59 -31.30 -4.58
N MET B 406 19.13 -30.33 -3.84
CA MET B 406 18.37 -29.60 -2.84
C MET B 406 17.82 -28.31 -3.44
N GLU B 407 18.36 -27.91 -4.60
CA GLU B 407 17.92 -26.71 -5.29
C GLU B 407 16.49 -26.92 -5.84
N PHE B 408 16.31 -28.04 -6.51
CA PHE B 408 15.01 -28.38 -7.07
C PHE B 408 14.03 -28.56 -5.94
N THR B 409 14.47 -29.19 -4.86
CA THR B 409 13.60 -29.41 -3.71
C THR B 409 13.08 -28.05 -3.28
N GLU B 410 14.02 -27.16 -3.03
CA GLU B 410 13.75 -25.81 -2.62
C GLU B 410 12.62 -25.16 -3.40
N ALA B 411 12.89 -24.90 -4.68
CA ALA B 411 11.91 -24.28 -5.55
C ALA B 411 10.53 -24.89 -5.46
N GLU B 412 10.41 -26.17 -5.80
CA GLU B 412 9.11 -26.80 -5.74
C GLU B 412 8.40 -26.42 -4.47
N SER B 413 8.99 -26.78 -3.34
CA SER B 413 8.41 -26.48 -2.05
C SER B 413 7.94 -25.04 -2.06
N ASN B 414 8.90 -24.11 -2.09
CA ASN B 414 8.60 -22.69 -2.13
C ASN B 414 7.37 -22.44 -2.99
N MET B 415 7.54 -22.56 -4.30
CA MET B 415 6.44 -22.34 -5.22
C MET B 415 5.24 -23.19 -4.86
N ASN B 416 5.48 -24.36 -4.26
CA ASN B 416 4.41 -25.26 -3.87
C ASN B 416 3.63 -24.68 -2.68
N ASP B 417 4.35 -24.07 -1.75
CA ASP B 417 3.76 -23.43 -0.59
C ASP B 417 2.94 -22.25 -1.11
N LEU B 418 3.51 -21.57 -2.10
CA LEU B 418 2.90 -20.42 -2.73
C LEU B 418 1.45 -20.73 -3.16
N VAL B 419 1.21 -21.99 -3.49
CA VAL B 419 -0.12 -22.48 -3.89
C VAL B 419 -0.97 -22.47 -2.64
N SER B 420 -0.42 -23.06 -1.60
CA SER B 420 -1.07 -23.15 -0.31
C SER B 420 -1.68 -21.79 0.06
N GLU B 421 -0.79 -20.87 0.38
CA GLU B 421 -1.14 -19.51 0.82
C GLU B 421 -2.34 -18.95 0.05
N TYR B 422 -2.18 -18.90 -1.26
CA TYR B 422 -3.20 -18.33 -2.16
C TYR B 422 -4.60 -18.87 -1.87
N GLN B 423 -4.66 -20.04 -1.28
CA GLN B 423 -5.94 -20.68 -0.92
C GLN B 423 -6.49 -20.09 0.39
N GLN B 424 -5.55 -19.60 1.18
CA GLN B 424 -5.85 -19.01 2.49
C GLN B 424 -6.83 -17.84 2.38
N TYR B 425 -7.09 -17.43 1.14
CA TYR B 425 -7.97 -16.29 0.89
C TYR B 425 -9.21 -16.73 0.10
N GLN B 426 -9.03 -17.75 -0.70
CA GLN B 426 -10.15 -18.34 -1.45
C GLN B 426 -11.16 -18.83 -0.40
N ASP B 427 -10.69 -18.88 0.85
CA ASP B 427 -11.48 -19.32 1.99
C ASP B 427 -11.49 -18.25 3.10
N GLY C 19 3.31 -30.37 23.59
CA GLY C 19 2.36 -29.25 23.85
C GLY C 19 2.83 -28.31 24.93
N ALA C 20 3.39 -27.17 24.53
CA ALA C 20 3.90 -26.18 25.47
C ALA C 20 3.54 -24.77 24.99
N SER C 21 2.84 -24.02 25.81
CA SER C 21 2.44 -22.67 25.46
C SER C 21 3.62 -21.72 25.54
N VAL C 22 3.55 -20.65 24.75
CA VAL C 22 4.59 -19.64 24.72
C VAL C 22 4.53 -18.84 26.02
N LYS C 23 5.63 -18.79 26.75
CA LYS C 23 5.66 -18.02 27.98
C LYS C 23 5.77 -16.54 27.66
N VAL C 24 5.05 -15.71 28.41
CA VAL C 24 5.07 -14.28 28.15
C VAL C 24 5.32 -13.44 29.40
N ALA C 25 6.30 -12.56 29.30
CA ALA C 25 6.63 -11.66 30.40
C ALA C 25 6.53 -10.23 29.92
N VAL C 26 6.17 -9.32 30.81
CA VAL C 26 6.09 -7.90 30.46
C VAL C 26 7.04 -7.19 31.43
N ARG C 27 7.71 -6.14 30.97
CA ARG C 27 8.62 -5.38 31.82
C ARG C 27 8.49 -3.90 31.56
N VAL C 28 8.22 -3.13 32.61
CA VAL C 28 8.09 -1.69 32.47
C VAL C 28 9.37 -1.03 33.02
N ARG C 29 9.93 -0.12 32.24
CA ARG C 29 11.17 0.58 32.58
C ARG C 29 10.94 1.94 33.22
N PRO C 30 12.05 2.61 33.63
CA PRO C 30 11.94 3.93 34.25
C PRO C 30 11.65 4.93 33.13
N PHE C 31 11.26 6.14 33.48
CA PHE C 31 10.99 7.18 32.49
C PHE C 31 12.29 7.51 31.75
N ASN C 32 12.19 7.85 30.47
CA ASN C 32 13.38 8.22 29.71
C ASN C 32 13.37 9.74 29.63
N SER C 33 14.40 10.33 29.00
CA SER C 33 14.49 11.78 28.92
C SER C 33 13.27 12.43 28.24
N ARG C 34 12.81 11.85 27.14
CA ARG C 34 11.65 12.38 26.42
C ARG C 34 10.43 12.49 27.32
N GLU C 35 10.16 11.43 28.07
CA GLU C 35 9.02 11.37 28.97
C GLU C 35 9.11 12.35 30.14
N MET C 36 10.27 12.43 30.78
CA MET C 36 10.47 13.36 31.87
C MET C 36 10.24 14.79 31.40
N SER C 37 10.73 15.07 30.19
CA SER C 37 10.63 16.41 29.59
C SER C 37 9.19 16.85 29.33
N ARG C 38 8.30 15.87 29.17
CA ARG C 38 6.89 16.15 28.92
C ARG C 38 6.10 15.94 30.21
N ASP C 39 6.82 15.84 31.34
CA ASP C 39 6.19 15.63 32.63
C ASP C 39 5.23 14.46 32.59
N SER C 40 5.65 13.38 31.96
CA SER C 40 4.81 12.20 31.83
C SER C 40 4.45 11.56 33.16
N LYS C 41 3.22 11.06 33.23
CA LYS C 41 2.76 10.37 34.43
C LYS C 41 2.82 8.89 34.07
N CYS C 42 2.94 8.03 35.09
CA CYS C 42 2.99 6.59 34.88
C CYS C 42 1.55 6.06 34.76
N ILE C 43 1.27 5.36 33.66
CA ILE C 43 -0.06 4.79 33.43
C ILE C 43 -0.05 3.28 33.54
N ILE C 44 1.09 2.70 33.91
CA ILE C 44 1.21 1.26 34.05
C ILE C 44 1.25 0.89 35.54
N GLN C 45 0.44 -0.10 35.93
CA GLN C 45 0.38 -0.56 37.30
C GLN C 45 0.54 -2.07 37.28
N MET C 46 1.31 -2.61 38.23
CA MET C 46 1.52 -4.07 38.30
C MET C 46 1.31 -4.62 39.71
N SER C 47 0.62 -5.76 39.78
CA SER C 47 0.34 -6.42 41.06
C SER C 47 0.24 -7.91 40.80
N GLY C 48 1.24 -8.67 41.26
CA GLY C 48 1.23 -10.10 41.00
C GLY C 48 1.49 -10.31 39.53
N SER C 49 0.66 -11.12 38.86
CA SER C 49 0.84 -11.37 37.45
C SER C 49 -0.04 -10.46 36.59
N THR C 50 -0.64 -9.47 37.22
CA THR C 50 -1.56 -8.53 36.56
C THR C 50 -0.95 -7.16 36.25
N THR C 51 -1.07 -6.73 34.99
CA THR C 51 -0.59 -5.41 34.58
C THR C 51 -1.79 -4.62 34.09
N THR C 52 -1.96 -3.43 34.66
CA THR C 52 -3.08 -2.58 34.28
C THR C 52 -2.59 -1.30 33.64
N ILE C 53 -3.26 -0.87 32.57
CA ILE C 53 -2.88 0.36 31.89
C ILE C 53 -4.03 1.37 31.89
N VAL C 54 -3.72 2.59 32.32
CA VAL C 54 -4.66 3.67 32.44
C VAL C 54 -4.61 4.49 31.18
N ASN C 55 -5.78 4.85 30.66
CA ASN C 55 -5.66 5.70 29.50
C ASN C 55 -5.80 7.15 29.91
N PRO C 56 -4.69 7.85 29.71
CA PRO C 56 -4.59 9.27 30.07
C PRO C 56 -5.60 10.14 29.31
N LYS C 57 -5.98 9.70 28.12
CA LYS C 57 -6.93 10.38 27.25
C LYS C 57 -8.37 10.29 27.78
N GLN C 58 -8.72 9.12 28.30
CA GLN C 58 -10.06 8.86 28.81
C GLN C 58 -9.95 8.33 30.24
N PRO C 59 -9.45 9.15 31.17
CA PRO C 59 -9.25 8.84 32.58
C PRO C 59 -10.40 8.15 33.30
N LYS C 60 -11.63 8.45 32.90
CA LYS C 60 -12.79 7.84 33.56
C LYS C 60 -13.31 6.57 32.90
N GLU C 61 -12.60 6.09 31.89
CA GLU C 61 -12.96 4.85 31.22
C GLU C 61 -12.31 3.78 32.10
N THR C 62 -12.81 2.55 32.07
CA THR C 62 -12.22 1.50 32.91
C THR C 62 -10.82 1.10 32.45
N PRO C 63 -9.84 1.08 33.37
CA PRO C 63 -8.46 0.70 33.03
C PRO C 63 -8.40 -0.73 32.51
N LYS C 64 -7.56 -0.97 31.51
CA LYS C 64 -7.45 -2.32 30.95
C LYS C 64 -6.42 -3.15 31.70
N SER C 65 -6.80 -4.38 32.03
CA SER C 65 -5.93 -5.30 32.76
C SER C 65 -5.55 -6.52 31.95
N PHE C 66 -4.30 -6.95 32.13
CA PHE C 66 -3.79 -8.11 31.43
C PHE C 66 -3.09 -9.02 32.42
N SER C 67 -3.13 -10.32 32.16
CA SER C 67 -2.49 -11.29 33.03
C SER C 67 -1.38 -11.96 32.25
N PHE C 68 -0.21 -12.09 32.87
CA PHE C 68 0.92 -12.71 32.19
C PHE C 68 1.68 -13.67 33.09
N ASP C 69 2.54 -14.48 32.49
CA ASP C 69 3.33 -15.43 33.24
C ASP C 69 4.29 -14.70 34.15
N TYR C 70 4.88 -13.61 33.65
CA TYR C 70 5.84 -12.83 34.43
C TYR C 70 5.55 -11.34 34.30
N SER C 71 5.70 -10.62 35.39
CA SER C 71 5.48 -9.17 35.40
C SER C 71 6.66 -8.53 36.11
N TYR C 72 7.49 -7.84 35.34
CA TYR C 72 8.66 -7.20 35.90
C TYR C 72 8.51 -5.70 36.08
N TRP C 73 8.38 -5.27 37.33
CA TRP C 73 8.25 -3.87 37.65
C TRP C 73 9.66 -3.31 37.79
N SER C 74 10.14 -2.65 36.74
CA SER C 74 11.49 -2.06 36.74
C SER C 74 11.41 -0.58 36.48
N HIS C 75 10.34 0.04 36.95
CA HIS C 75 10.11 1.46 36.75
C HIS C 75 10.87 2.36 37.72
N THR C 76 11.18 1.84 38.90
CA THR C 76 11.87 2.61 39.92
C THR C 76 13.40 2.39 39.90
N SER C 77 13.93 1.70 40.91
CA SER C 77 15.36 1.42 40.96
C SER C 77 15.63 0.27 41.94
N PRO C 78 16.86 -0.26 41.94
CA PRO C 78 17.24 -1.36 42.83
C PRO C 78 17.07 -1.11 44.33
N GLU C 79 16.96 0.14 44.75
CA GLU C 79 16.73 0.49 46.14
C GLU C 79 15.32 0.10 46.56
N ASP C 80 14.46 -0.11 45.56
CA ASP C 80 13.05 -0.43 45.79
C ASP C 80 13.02 -1.94 46.09
N ILE C 81 12.15 -2.34 47.01
CA ILE C 81 12.04 -3.76 47.35
C ILE C 81 11.35 -4.56 46.25
N ASN C 82 10.44 -3.92 45.53
CA ASN C 82 9.70 -4.60 44.47
C ASN C 82 10.26 -4.45 43.07
N TYR C 83 11.44 -3.87 42.98
CA TYR C 83 12.08 -3.68 41.68
C TYR C 83 12.56 -5.00 41.11
N ALA C 84 12.46 -5.13 39.78
CA ALA C 84 12.92 -6.33 39.09
C ALA C 84 14.22 -5.97 38.39
N SER C 85 15.33 -6.53 38.88
CA SER C 85 16.64 -6.23 38.31
C SER C 85 16.97 -7.20 37.18
N GLN C 86 18.13 -6.96 36.56
CA GLN C 86 18.63 -7.79 35.48
C GLN C 86 18.82 -9.22 35.97
N LYS C 87 19.47 -9.33 37.13
CA LYS C 87 19.74 -10.65 37.69
C LYS C 87 18.44 -11.37 38.03
N GLN C 88 17.44 -10.64 38.52
CA GLN C 88 16.16 -11.26 38.86
C GLN C 88 15.36 -11.68 37.63
N VAL C 89 15.39 -10.87 36.58
CA VAL C 89 14.67 -11.24 35.35
C VAL C 89 15.30 -12.51 34.80
N TYR C 90 16.64 -12.57 34.79
CA TYR C 90 17.32 -13.75 34.29
C TYR C 90 17.08 -15.02 35.11
N ARG C 91 17.30 -14.92 36.42
CA ARG C 91 17.13 -16.07 37.30
C ARG C 91 15.72 -16.64 37.21
N ASP C 92 14.81 -15.82 36.71
CA ASP C 92 13.43 -16.24 36.56
C ASP C 92 13.22 -16.89 35.19
N ILE C 93 12.79 -16.12 34.21
CA ILE C 93 12.55 -16.65 32.88
C ILE C 93 13.81 -17.20 32.18
N GLY C 94 14.95 -16.57 32.40
CA GLY C 94 16.18 -17.03 31.76
C GLY C 94 16.63 -18.43 32.13
N GLU C 95 16.74 -18.69 33.43
CA GLU C 95 17.16 -20.01 33.90
C GLU C 95 16.16 -21.08 33.49
N GLU C 96 14.89 -20.68 33.39
CA GLU C 96 13.83 -21.60 33.00
C GLU C 96 14.11 -22.14 31.61
N MET C 97 14.38 -21.21 30.68
CA MET C 97 14.66 -21.60 29.31
C MET C 97 15.99 -22.34 29.19
N LEU C 98 17.01 -21.92 29.95
CA LEU C 98 18.30 -22.61 29.89
C LEU C 98 18.15 -24.06 30.32
N GLN C 99 17.33 -24.29 31.34
CA GLN C 99 17.11 -25.66 31.83
C GLN C 99 16.44 -26.50 30.74
N HIS C 100 15.48 -25.90 30.02
CA HIS C 100 14.82 -26.61 28.94
C HIS C 100 15.86 -27.05 27.91
N ALA C 101 16.84 -26.20 27.66
CA ALA C 101 17.91 -26.53 26.72
C ALA C 101 18.72 -27.72 27.22
N PHE C 102 18.94 -27.78 28.53
CA PHE C 102 19.68 -28.90 29.11
C PHE C 102 18.85 -30.18 29.00
N GLU C 103 17.53 -30.03 28.98
CA GLU C 103 16.66 -31.20 28.86
C GLU C 103 16.64 -31.68 27.41
N GLY C 104 17.19 -30.87 26.52
CA GLY C 104 17.25 -31.26 25.11
C GLY C 104 16.26 -30.56 24.18
N TYR C 105 15.58 -29.55 24.66
CA TYR C 105 14.60 -28.81 23.85
C TYR C 105 15.23 -27.61 23.17
N ASN C 106 14.73 -27.24 22.00
CA ASN C 106 15.15 -26.04 21.37
C ASN C 106 14.49 -24.95 22.13
N VAL C 107 15.13 -23.80 22.31
CA VAL C 107 14.49 -22.73 23.06
C VAL C 107 14.67 -21.40 22.35
N CYS C 108 13.78 -20.47 22.66
CA CYS C 108 13.83 -19.15 22.08
C CYS C 108 13.24 -18.15 23.04
N ILE C 109 13.91 -17.00 23.14
CA ILE C 109 13.45 -15.90 23.95
C ILE C 109 13.57 -14.68 23.02
N PHE C 110 12.47 -13.97 22.80
CA PHE C 110 12.56 -12.79 21.98
C PHE C 110 11.97 -11.60 22.70
N ALA C 111 12.62 -10.44 22.54
CA ALA C 111 12.16 -9.21 23.17
C ALA C 111 11.38 -8.41 22.15
N TYR C 112 10.21 -7.95 22.55
CA TYR C 112 9.31 -7.23 21.68
C TYR C 112 8.74 -5.99 22.34
N GLY C 113 8.52 -4.94 21.55
CA GLY C 113 7.96 -3.73 22.10
C GLY C 113 8.28 -2.45 21.34
N GLN C 114 7.65 -1.37 21.77
CA GLN C 114 7.82 -0.07 21.15
C GLN C 114 9.29 0.39 21.14
N THR C 115 9.64 1.18 20.15
CA THR C 115 10.99 1.72 20.05
C THR C 115 11.35 2.37 21.40
N GLY C 116 12.52 2.03 21.93
CA GLY C 116 12.97 2.60 23.20
C GLY C 116 12.33 2.05 24.47
N ALA C 117 11.47 1.05 24.35
CA ALA C 117 10.78 0.50 25.52
C ALA C 117 11.68 -0.31 26.48
N GLY C 118 12.82 -0.76 26.00
CA GLY C 118 13.76 -1.52 26.82
C GLY C 118 14.09 -2.92 26.39
N LYS C 119 13.94 -3.22 25.10
CA LYS C 119 14.22 -4.54 24.57
C LYS C 119 15.71 -4.93 24.70
N SER C 120 16.59 -4.06 24.21
CA SER C 120 18.04 -4.32 24.25
C SER C 120 18.60 -4.35 25.69
N TYR C 121 18.10 -3.48 26.54
CA TYR C 121 18.56 -3.45 27.92
C TYR C 121 18.25 -4.80 28.56
N THR C 122 17.08 -5.34 28.25
CA THR C 122 16.68 -6.64 28.81
C THR C 122 17.47 -7.80 28.24
N MET C 123 17.72 -7.80 26.94
CA MET C 123 18.43 -8.90 26.30
C MET C 123 19.96 -8.82 26.43
N MET C 124 20.51 -7.61 26.28
CA MET C 124 21.95 -7.44 26.33
C MET C 124 22.40 -6.66 27.58
N GLY C 125 21.65 -5.64 27.92
CA GLY C 125 21.99 -4.83 29.08
C GLY C 125 23.30 -4.11 28.81
N LYS C 126 24.04 -3.84 29.87
CA LYS C 126 25.31 -3.19 29.68
C LYS C 126 26.38 -4.10 30.21
N GLN C 127 27.52 -4.16 29.56
CA GLN C 127 28.55 -5.10 29.96
C GLN C 127 29.33 -4.61 31.17
N GLU C 128 28.70 -3.64 31.89
CA GLU C 128 29.36 -3.08 33.06
C GLU C 128 28.75 -3.61 34.37
N LYS C 129 29.11 -3.04 35.50
CA LYS C 129 28.69 -3.38 36.88
C LYS C 129 27.16 -3.63 37.08
N ASP C 130 26.71 -4.86 37.18
CA ASP C 130 25.33 -5.21 37.53
C ASP C 130 24.24 -5.13 36.46
N GLN C 131 24.55 -4.53 35.32
CA GLN C 131 23.43 -4.40 34.35
C GLN C 131 23.46 -5.37 33.13
N GLN C 132 24.14 -6.52 33.23
CA GLN C 132 24.08 -7.49 32.13
C GLN C 132 22.67 -8.09 31.94
N GLY C 133 22.24 -8.17 30.67
CA GLY C 133 20.92 -8.71 30.37
C GLY C 133 20.88 -10.22 30.31
N ILE C 134 19.76 -10.74 29.79
CA ILE C 134 19.56 -12.17 29.65
C ILE C 134 20.62 -12.93 28.86
N ILE C 135 21.04 -12.40 27.72
CA ILE C 135 22.01 -13.11 26.91
C ILE C 135 23.37 -13.34 27.59
N PRO C 136 24.02 -12.28 28.10
CA PRO C 136 25.32 -12.53 28.76
C PRO C 136 25.17 -13.47 29.96
N GLN C 137 24.14 -13.25 30.77
CA GLN C 137 23.93 -14.11 31.95
C GLN C 137 23.69 -15.56 31.59
N LEU C 138 22.92 -15.80 30.54
CA LEU C 138 22.63 -17.18 30.14
C LEU C 138 23.92 -17.86 29.67
N CYS C 139 24.76 -17.14 28.95
CA CYS C 139 26.01 -17.69 28.46
C CYS C 139 26.93 -18.05 29.64
N GLU C 140 27.01 -17.14 30.60
CA GLU C 140 27.84 -17.35 31.78
C GLU C 140 27.31 -18.58 32.54
N ASP C 141 26.00 -18.62 32.73
CA ASP C 141 25.33 -19.72 33.42
C ASP C 141 25.55 -21.03 32.68
N LEU C 142 25.42 -20.99 31.35
CA LEU C 142 25.62 -22.18 30.53
C LEU C 142 27.01 -22.80 30.74
N PHE C 143 28.04 -21.98 30.64
CA PHE C 143 29.41 -22.46 30.83
C PHE C 143 29.70 -22.86 32.27
N SER C 144 29.17 -22.13 33.22
CA SER C 144 29.37 -22.46 34.63
C SER C 144 28.83 -23.87 34.88
N ARG C 145 27.63 -24.14 34.37
CA ARG C 145 27.01 -25.45 34.54
C ARG C 145 27.81 -26.55 33.85
N ILE C 146 28.25 -26.30 32.62
CA ILE C 146 29.03 -27.29 31.89
C ILE C 146 30.30 -27.61 32.66
N ASN C 147 30.93 -26.57 33.20
CA ASN C 147 32.18 -26.76 33.94
C ASN C 147 32.03 -27.44 35.29
N ASP C 148 30.81 -27.51 35.82
CA ASP C 148 30.57 -28.17 37.10
C ASP C 148 30.15 -29.62 36.91
N THR C 149 30.20 -30.10 35.66
CA THR C 149 29.85 -31.49 35.37
C THR C 149 30.87 -32.38 36.09
N THR C 150 30.41 -33.46 36.71
CA THR C 150 31.33 -34.38 37.36
C THR C 150 31.30 -35.76 36.75
N ASN C 151 30.48 -35.96 35.72
CA ASN C 151 30.45 -37.26 35.09
C ASN C 151 31.27 -37.25 33.80
N ASP C 152 32.37 -37.97 33.85
CA ASP C 152 33.27 -38.05 32.73
C ASP C 152 32.71 -38.74 31.50
N ASN C 153 31.48 -39.24 31.58
CA ASN C 153 30.89 -39.86 30.39
C ASN C 153 30.19 -38.79 29.58
N MET C 154 30.15 -37.57 30.12
CA MET C 154 29.51 -36.43 29.47
C MET C 154 30.54 -35.42 28.93
N SER C 155 30.42 -35.06 27.66
CA SER C 155 31.28 -34.06 27.04
C SER C 155 30.37 -33.06 26.33
N TYR C 156 30.83 -31.83 26.13
CA TYR C 156 29.98 -30.82 25.51
C TYR C 156 30.65 -29.99 24.44
N SER C 157 29.83 -29.40 23.58
CA SER C 157 30.33 -28.51 22.53
C SER C 157 29.34 -27.35 22.48
N VAL C 158 29.85 -26.14 22.29
CA VAL C 158 29.03 -24.94 22.23
C VAL C 158 29.48 -24.18 20.99
N GLU C 159 28.53 -23.90 20.09
CA GLU C 159 28.85 -23.16 18.87
C GLU C 159 27.93 -21.96 18.88
N VAL C 160 28.43 -20.82 18.41
CA VAL C 160 27.62 -19.62 18.42
C VAL C 160 27.58 -18.95 17.04
N SER C 161 26.47 -18.26 16.79
CA SER C 161 26.25 -17.50 15.56
C SER C 161 25.55 -16.25 16.03
N TYR C 162 25.80 -15.14 15.34
CA TYR C 162 25.20 -13.88 15.72
C TYR C 162 24.96 -13.10 14.43
N MET C 163 23.71 -12.74 14.17
CA MET C 163 23.34 -12.04 12.94
C MET C 163 22.43 -10.85 13.17
N GLU C 164 22.30 -10.02 12.15
CA GLU C 164 21.48 -8.85 12.17
C GLU C 164 20.58 -8.87 10.95
N ILE C 165 19.30 -8.55 11.13
CA ILE C 165 18.37 -8.54 10.01
C ILE C 165 17.89 -7.10 9.85
N TYR C 166 18.31 -6.48 8.75
CA TYR C 166 17.99 -5.09 8.46
C TYR C 166 17.42 -4.98 7.05
N CYS C 167 16.17 -4.54 6.94
CA CYS C 167 15.49 -4.43 5.67
C CYS C 167 15.53 -5.75 4.91
N GLU C 168 15.19 -6.82 5.62
CA GLU C 168 15.13 -8.16 5.06
C GLU C 168 16.50 -8.69 4.62
N ARG C 169 17.56 -7.99 4.97
CA ARG C 169 18.89 -8.48 4.61
C ARG C 169 19.64 -8.96 5.85
N VAL C 170 20.41 -10.03 5.69
CA VAL C 170 21.12 -10.62 6.81
C VAL C 170 22.62 -10.36 6.81
N ARG C 171 23.11 -9.86 7.93
CA ARG C 171 24.54 -9.63 8.07
C ARG C 171 25.12 -10.45 9.19
N ASP C 172 26.32 -10.97 8.96
CA ASP C 172 27.01 -11.84 9.91
C ASP C 172 27.82 -10.93 10.85
N LEU C 173 27.38 -10.83 12.10
CA LEU C 173 28.01 -9.97 13.09
C LEU C 173 29.35 -10.47 13.62
N LEU C 174 29.65 -11.74 13.38
CA LEU C 174 30.90 -12.33 13.84
C LEU C 174 31.89 -12.43 12.68
N ASN C 175 31.56 -11.76 11.58
CA ASN C 175 32.39 -11.78 10.39
C ASN C 175 32.18 -10.45 9.66
N PRO C 176 32.56 -9.32 10.29
CA PRO C 176 32.42 -7.97 9.73
C PRO C 176 33.22 -7.73 8.45
N LYS C 177 34.29 -8.50 8.27
CA LYS C 177 35.13 -8.48 7.10
C LYS C 177 34.29 -8.57 5.83
N ASN C 178 33.17 -9.28 5.97
CA ASN C 178 32.27 -9.55 4.84
C ASN C 178 31.16 -8.50 4.74
N LYS C 179 31.02 -7.89 3.56
CA LYS C 179 29.99 -6.86 3.37
C LYS C 179 28.83 -7.38 2.50
N GLY C 180 28.76 -8.70 2.34
CA GLY C 180 27.67 -9.25 1.56
C GLY C 180 26.59 -9.69 2.51
N ASN C 181 25.33 -9.57 2.08
CA ASN C 181 24.23 -10.01 2.93
C ASN C 181 23.99 -11.48 2.60
N LEU C 182 23.95 -12.29 3.64
CA LEU C 182 23.79 -13.73 3.49
C LEU C 182 22.39 -14.15 3.04
N ARG C 183 22.34 -15.21 2.26
CA ARG C 183 21.08 -15.73 1.73
C ARG C 183 20.37 -16.66 2.71
N VAL C 184 19.10 -16.38 2.93
CA VAL C 184 18.29 -17.20 3.82
C VAL C 184 17.73 -18.28 2.91
N ARG C 185 17.96 -19.53 3.27
CA ARG C 185 17.50 -20.64 2.47
C ARG C 185 16.66 -21.63 3.25
N GLU C 186 16.06 -22.56 2.50
CA GLU C 186 15.24 -23.61 3.06
C GLU C 186 15.92 -24.92 2.70
N HIS C 187 16.52 -25.58 3.68
CA HIS C 187 17.16 -26.86 3.40
C HIS C 187 16.00 -27.78 3.08
N PRO C 188 16.13 -28.62 2.04
CA PRO C 188 15.06 -29.55 1.64
C PRO C 188 14.50 -30.47 2.73
N LEU C 189 15.31 -30.78 3.75
CA LEU C 189 14.86 -31.65 4.82
C LEU C 189 14.99 -31.09 6.22
N LEU C 190 15.90 -30.13 6.40
CA LEU C 190 16.18 -29.60 7.73
C LEU C 190 15.71 -28.20 8.09
N GLY C 191 14.93 -27.55 7.22
CA GLY C 191 14.44 -26.23 7.55
C GLY C 191 15.29 -25.04 7.13
N PRO C 192 14.87 -23.83 7.51
CA PRO C 192 15.57 -22.58 7.18
C PRO C 192 16.94 -22.42 7.84
N TYR C 193 17.82 -21.73 7.15
CA TYR C 193 19.17 -21.47 7.67
C TYR C 193 19.78 -20.33 6.87
N VAL C 194 20.81 -19.72 7.44
CA VAL C 194 21.49 -18.63 6.77
C VAL C 194 22.73 -19.20 6.11
N GLU C 195 22.79 -19.13 4.78
CA GLU C 195 23.91 -19.69 4.05
C GLU C 195 25.19 -18.93 4.34
N ASP C 196 26.22 -19.68 4.73
CA ASP C 196 27.53 -19.14 5.06
C ASP C 196 27.59 -18.27 6.30
N LEU C 197 26.67 -18.49 7.23
CA LEU C 197 26.69 -17.73 8.46
C LEU C 197 27.74 -18.39 9.36
N SER C 198 28.63 -17.58 9.92
CA SER C 198 29.68 -18.11 10.80
C SER C 198 29.12 -18.86 11.99
N LYS C 199 29.73 -20.00 12.32
CA LYS C 199 29.30 -20.79 13.46
C LYS C 199 30.59 -21.18 14.16
N LEU C 200 30.95 -20.42 15.18
CA LEU C 200 32.19 -20.62 15.92
C LEU C 200 32.07 -21.45 17.19
N ALA C 201 32.98 -22.39 17.35
CA ALA C 201 32.98 -23.22 18.57
C ALA C 201 33.66 -22.40 19.65
N VAL C 202 33.13 -22.45 20.87
CA VAL C 202 33.71 -21.70 21.97
C VAL C 202 33.82 -22.63 23.18
N THR C 203 34.92 -22.51 23.92
CA THR C 203 35.12 -23.39 25.07
C THR C 203 35.12 -22.70 26.42
N SER C 204 34.75 -21.43 26.45
CA SER C 204 34.71 -20.70 27.71
C SER C 204 33.77 -19.52 27.62
N TYR C 205 33.27 -19.08 28.75
CA TYR C 205 32.38 -17.93 28.78
C TYR C 205 33.09 -16.69 28.26
N ASN C 206 34.37 -16.56 28.61
CA ASN C 206 35.14 -15.40 28.15
C ASN C 206 35.22 -15.32 26.64
N ASP C 207 35.44 -16.45 25.99
CA ASP C 207 35.54 -16.46 24.54
C ASP C 207 34.21 -16.08 23.91
N ILE C 208 33.11 -16.62 24.43
CA ILE C 208 31.80 -16.32 23.86
C ILE C 208 31.43 -14.86 24.14
N GLN C 209 31.87 -14.33 25.28
CA GLN C 209 31.57 -12.94 25.59
C GLN C 209 32.36 -11.98 24.72
N ASP C 210 33.56 -12.37 24.29
CA ASP C 210 34.36 -11.51 23.41
C ASP C 210 33.65 -11.43 22.06
N LEU C 211 33.11 -12.56 21.63
CA LEU C 211 32.39 -12.62 20.36
C LEU C 211 31.14 -11.79 20.43
N MET C 212 30.48 -11.83 21.58
CA MET C 212 29.27 -11.06 21.80
C MET C 212 29.61 -9.58 21.72
N ASP C 213 30.66 -9.18 22.44
CA ASP C 213 31.10 -7.78 22.44
C ASP C 213 31.49 -7.32 21.05
N SER C 214 32.21 -8.17 20.33
CA SER C 214 32.66 -7.86 18.98
C SER C 214 31.43 -7.70 18.09
N GLY C 215 30.47 -8.61 18.27
CA GLY C 215 29.25 -8.56 17.50
C GLY C 215 28.43 -7.33 17.79
N ASN C 216 28.31 -6.96 19.06
CA ASN C 216 27.54 -5.76 19.42
C ASN C 216 28.11 -4.48 18.84
N LYS C 217 29.42 -4.44 18.66
CA LYS C 217 30.05 -3.24 18.12
C LYS C 217 29.88 -3.11 16.63
N ALA C 218 29.72 -4.23 15.94
CA ALA C 218 29.55 -4.15 14.50
C ALA C 218 28.08 -3.95 14.15
N ARG C 219 27.24 -3.74 15.15
CA ARG C 219 25.87 -3.48 14.73
C ARG C 219 25.67 -2.02 14.31
N THR C 220 24.56 -1.79 13.58
CA THR C 220 24.30 -0.45 13.07
C THR C 220 23.52 0.39 14.09
N VAL C 221 24.09 1.58 14.39
CA VAL C 221 25.33 1.96 13.75
C VAL C 221 25.58 3.47 13.85
N THR C 229 17.71 8.12 17.54
CA THR C 229 18.39 6.84 17.38
C THR C 229 17.42 5.66 17.53
N SER C 230 16.64 5.43 16.46
CA SER C 230 15.65 4.36 16.45
C SER C 230 16.14 3.15 15.64
N SER C 231 16.30 1.96 16.26
CA SER C 231 16.79 0.82 15.50
C SER C 231 15.69 0.21 14.62
N ARG C 232 16.13 -0.12 13.42
CA ARG C 232 15.11 -0.90 12.72
C ARG C 232 15.71 -2.20 12.19
N SER C 233 16.75 -2.63 12.88
CA SER C 233 17.25 -3.99 12.69
C SER C 233 17.00 -4.93 13.87
N HIS C 234 16.97 -6.22 13.54
CA HIS C 234 16.76 -7.29 14.51
C HIS C 234 18.08 -8.01 14.69
N ALA C 235 18.34 -8.47 15.90
CA ALA C 235 19.58 -9.19 16.19
C ALA C 235 19.22 -10.57 16.70
N VAL C 236 19.84 -11.59 16.12
CA VAL C 236 19.59 -12.95 16.54
C VAL C 236 20.90 -13.61 16.97
N PHE C 237 20.96 -14.00 18.23
CA PHE C 237 22.12 -14.66 18.82
C PHE C 237 21.74 -16.12 19.03
N ASN C 238 22.42 -17.01 18.30
CA ASN C 238 22.15 -18.43 18.38
C ASN C 238 23.28 -19.26 19.01
N ILE C 239 22.89 -20.21 19.84
CA ILE C 239 23.83 -21.11 20.48
C ILE C 239 23.41 -22.53 20.17
N ILE C 240 24.31 -23.34 19.64
CA ILE C 240 24.00 -24.73 19.40
C ILE C 240 24.70 -25.47 20.54
N PHE C 241 23.93 -25.98 21.49
CA PHE C 241 24.46 -26.68 22.64
C PHE C 241 24.36 -28.19 22.47
N THR C 242 25.50 -28.85 22.29
CA THR C 242 25.52 -30.30 22.10
C THR C 242 25.99 -31.04 23.35
N GLN C 243 25.20 -32.02 23.76
CA GLN C 243 25.53 -32.83 24.93
C GLN C 243 25.83 -34.23 24.44
N LYS C 244 27.05 -34.70 24.71
CA LYS C 244 27.45 -36.02 24.26
C LYS C 244 27.56 -36.98 25.45
N ARG C 245 26.72 -38.01 25.45
CA ARG C 245 26.76 -38.99 26.52
C ARG C 245 27.47 -40.24 25.99
N HIS C 246 28.56 -40.61 26.66
CA HIS C 246 29.36 -41.77 26.27
C HIS C 246 28.91 -42.98 27.04
N ASP C 247 28.53 -44.03 26.32
CA ASP C 247 28.09 -45.27 26.94
C ASP C 247 29.27 -46.24 27.01
N ALA C 248 29.60 -46.65 28.23
CA ALA C 248 30.72 -47.57 28.44
C ALA C 248 30.32 -49.04 28.35
N GLU C 249 30.71 -49.67 27.24
CA GLU C 249 30.54 -51.09 26.96
C GLU C 249 30.60 -51.30 25.46
N THR C 250 29.65 -50.64 24.80
CA THR C 250 29.82 -50.37 23.38
C THR C 250 30.41 -48.96 23.21
N ASN C 251 30.90 -48.54 22.05
CA ASN C 251 31.43 -47.18 22.01
C ASN C 251 30.68 -46.16 21.15
N ILE C 252 29.35 -46.21 21.22
CA ILE C 252 28.53 -45.26 20.49
C ILE C 252 28.32 -44.11 21.46
N THR C 253 28.15 -42.92 20.90
CA THR C 253 27.96 -41.70 21.68
C THR C 253 26.66 -41.09 21.18
N THR C 254 25.59 -41.17 21.99
CA THR C 254 24.30 -40.61 21.61
C THR C 254 24.39 -39.09 21.85
N GLU C 255 24.02 -38.30 20.83
CA GLU C 255 24.06 -36.86 20.92
C GLU C 255 22.72 -36.29 21.39
N LYS C 256 22.77 -35.10 21.97
CA LYS C 256 21.59 -34.38 22.44
C LYS C 256 21.89 -32.94 22.00
N VAL C 257 21.07 -32.40 21.11
CA VAL C 257 21.29 -31.06 20.58
C VAL C 257 20.12 -30.11 20.78
N SER C 258 20.41 -28.95 21.35
CA SER C 258 19.39 -27.95 21.55
C SER C 258 19.85 -26.61 21.03
N LYS C 259 19.02 -25.99 20.21
CA LYS C 259 19.32 -24.69 19.64
C LYS C 259 18.71 -23.62 20.51
N ILE C 260 19.53 -22.67 20.96
CA ILE C 260 19.06 -21.60 21.80
C ILE C 260 19.07 -20.32 20.98
N SER C 261 17.89 -19.76 20.73
CA SER C 261 17.81 -18.54 19.95
C SER C 261 17.35 -17.39 20.82
N LEU C 262 18.19 -16.37 20.93
CA LEU C 262 17.87 -15.20 21.75
C LEU C 262 17.77 -14.03 20.78
N VAL C 263 16.56 -13.48 20.69
CA VAL C 263 16.24 -12.43 19.74
C VAL C 263 15.94 -11.06 20.32
N ASP C 264 16.59 -10.05 19.75
CA ASP C 264 16.39 -8.67 20.15
C ASP C 264 15.82 -7.96 18.93
N LEU C 265 14.51 -7.79 18.92
CA LEU C 265 13.79 -7.18 17.80
C LEU C 265 13.88 -5.66 17.73
N ALA C 266 13.61 -5.12 16.54
CA ALA C 266 13.58 -3.68 16.34
C ALA C 266 12.27 -3.25 16.96
N GLY C 267 12.15 -1.99 17.32
CA GLY C 267 10.91 -1.59 17.95
C GLY C 267 9.78 -1.29 16.98
N SER C 268 8.56 -1.43 17.43
CA SER C 268 7.40 -1.15 16.60
C SER C 268 6.97 0.32 16.74
N GLU C 269 6.26 0.83 15.76
CA GLU C 269 5.96 2.25 15.74
C GLU C 269 4.54 2.54 16.22
N ALA C 285 6.81 -0.92 2.95
CA ALA C 285 8.21 -0.77 3.32
C ALA C 285 8.89 -2.14 3.47
N ASN C 286 10.21 -2.15 3.20
CA ASN C 286 10.96 -3.39 3.31
C ASN C 286 11.71 -3.48 4.65
N ILE C 287 11.78 -2.26 5.16
CA ILE C 287 12.39 -1.96 6.45
C ILE C 287 11.51 -2.47 7.59
N ASN C 288 10.21 -2.62 7.35
CA ASN C 288 9.32 -3.09 8.40
C ASN C 288 8.54 -4.35 8.10
N LYS C 289 8.90 -5.02 7.01
CA LYS C 289 8.19 -6.22 6.66
C LYS C 289 8.21 -7.27 7.75
N SER C 290 9.40 -7.58 8.24
CA SER C 290 9.56 -8.57 9.29
C SER C 290 8.70 -8.35 10.54
N LEU C 291 8.70 -7.13 11.07
CA LEU C 291 7.93 -6.85 12.27
C LEU C 291 6.42 -7.00 12.07
N THR C 292 5.91 -6.51 10.93
CA THR C 292 4.49 -6.60 10.65
C THR C 292 4.09 -8.06 10.43
N THR C 293 4.93 -8.79 9.71
CA THR C 293 4.66 -10.19 9.44
C THR C 293 4.65 -10.98 10.75
N LEU C 294 5.57 -10.66 11.66
CA LEU C 294 5.61 -11.37 12.94
C LEU C 294 4.28 -11.16 13.65
N GLY C 295 3.76 -9.94 13.59
CA GLY C 295 2.48 -9.65 14.21
C GLY C 295 1.38 -10.54 13.64
N LYS C 296 1.38 -10.73 12.33
CA LYS C 296 0.36 -11.56 11.68
C LYS C 296 0.56 -13.04 12.03
N VAL C 297 1.82 -13.49 12.07
CA VAL C 297 2.10 -14.88 12.44
C VAL C 297 1.63 -15.14 13.86
N ILE C 298 1.90 -14.19 14.74
CA ILE C 298 1.52 -14.32 16.13
C ILE C 298 0.00 -14.37 16.25
N SER C 299 -0.69 -13.52 15.48
CA SER C 299 -2.14 -13.48 15.51
C SER C 299 -2.72 -14.78 14.95
N ALA C 300 -2.18 -15.22 13.83
CA ALA C 300 -2.65 -16.45 13.19
C ALA C 300 -2.49 -17.65 14.12
N LEU C 301 -1.29 -17.81 14.71
CA LEU C 301 -1.04 -18.92 15.61
C LEU C 301 -1.99 -18.87 16.80
N ALA C 302 -2.28 -17.66 17.27
CA ALA C 302 -3.18 -17.49 18.41
C ALA C 302 -4.61 -17.84 18.00
N GLU C 303 -4.93 -17.55 16.73
CA GLU C 303 -6.25 -17.82 16.20
C GLU C 303 -6.55 -19.31 16.09
N MET C 304 -5.55 -20.09 15.73
CA MET C 304 -5.72 -21.54 15.59
C MET C 304 -6.05 -22.19 16.93
N PHE C 319 -3.43 -21.06 6.63
CA PHE C 319 -2.06 -20.82 6.24
C PHE C 319 -1.41 -19.66 7.00
N ILE C 320 -0.10 -19.73 7.16
CA ILE C 320 0.63 -18.68 7.88
C ILE C 320 1.72 -18.09 6.98
N PRO C 321 1.81 -16.77 6.92
CA PRO C 321 2.85 -16.16 6.08
C PRO C 321 4.26 -16.11 6.65
N TYR C 322 4.74 -17.27 7.11
CA TYR C 322 6.10 -17.37 7.66
C TYR C 322 7.09 -16.83 6.64
N ARG C 323 6.95 -17.29 5.39
CA ARG C 323 7.84 -16.88 4.32
C ARG C 323 7.69 -15.43 3.88
N ASP C 324 6.71 -14.72 4.43
CA ASP C 324 6.51 -13.31 4.07
C ASP C 324 7.65 -12.42 4.52
N SER C 325 8.53 -12.94 5.37
CA SER C 325 9.68 -12.16 5.85
C SER C 325 10.79 -13.08 6.34
N VAL C 326 12.03 -12.59 6.25
CA VAL C 326 13.20 -13.33 6.68
C VAL C 326 13.14 -13.71 8.17
N LEU C 327 12.67 -12.79 9.00
CA LEU C 327 12.59 -13.03 10.45
C LEU C 327 11.63 -14.17 10.80
N THR C 328 10.41 -14.12 10.28
CA THR C 328 9.44 -15.16 10.58
C THR C 328 9.80 -16.47 9.89
N TRP C 329 10.54 -16.38 8.79
CA TRP C 329 10.95 -17.58 8.08
C TRP C 329 11.98 -18.34 8.93
N LEU C 330 13.04 -17.64 9.33
CA LEU C 330 14.08 -18.25 10.16
C LEU C 330 13.57 -18.72 11.53
N LEU C 331 12.61 -18.00 12.11
CA LEU C 331 12.08 -18.36 13.42
C LEU C 331 10.82 -19.23 13.35
N ARG C 332 10.51 -19.72 12.16
CA ARG C 332 9.31 -20.55 11.95
C ARG C 332 9.08 -21.62 13.02
N GLU C 333 10.09 -22.43 13.29
CA GLU C 333 9.95 -23.50 14.28
C GLU C 333 9.87 -23.00 15.72
N ASN C 334 10.37 -21.81 16.00
CA ASN C 334 10.31 -21.28 17.37
C ASN C 334 8.93 -20.72 17.64
N LEU C 335 8.23 -20.30 16.59
CA LEU C 335 6.90 -19.71 16.76
C LEU C 335 5.84 -20.78 16.89
N GLY C 336 5.78 -21.68 15.92
CA GLY C 336 4.79 -22.74 15.95
C GLY C 336 5.38 -24.13 15.76
N GLY C 337 6.68 -24.28 16.02
CA GLY C 337 7.33 -25.57 15.87
C GLY C 337 7.78 -26.21 17.17
N ASN C 338 8.76 -27.12 17.07
CA ASN C 338 9.29 -27.82 18.24
C ASN C 338 10.29 -26.94 18.99
N SER C 339 9.77 -26.10 19.87
CA SER C 339 10.61 -25.18 20.61
C SER C 339 9.86 -24.65 21.83
N ARG C 340 10.59 -24.48 22.94
CA ARG C 340 10.06 -23.88 24.10
C ARG C 340 10.34 -22.43 23.95
N THR C 341 9.32 -21.61 23.72
CA THR C 341 9.52 -20.20 23.44
C THR C 341 8.91 -19.24 24.45
N ALA C 342 9.60 -18.12 24.65
CA ALA C 342 9.16 -17.08 25.57
C ALA C 342 9.27 -15.71 24.92
N MET C 343 8.33 -14.82 25.25
CA MET C 343 8.33 -13.47 24.74
C MET C 343 8.53 -12.52 25.92
N VAL C 344 9.40 -11.53 25.75
CA VAL C 344 9.58 -10.53 26.79
C VAL C 344 9.12 -9.24 26.15
N ALA C 345 7.97 -8.75 26.61
CA ALA C 345 7.39 -7.52 26.09
C ALA C 345 7.82 -6.31 26.89
N ALA C 346 8.61 -5.43 26.28
CA ALA C 346 9.10 -4.22 26.93
C ALA C 346 8.06 -3.12 26.87
N LEU C 347 7.80 -2.48 28.00
CA LEU C 347 6.81 -1.42 28.07
C LEU C 347 7.30 -0.08 28.60
N SER C 348 6.88 1.00 27.94
CA SER C 348 7.18 2.33 28.42
C SER C 348 6.11 2.55 29.47
N PRO C 349 6.45 3.27 30.57
CA PRO C 349 5.49 3.56 31.64
C PRO C 349 4.72 4.85 31.43
N ALA C 350 5.13 5.61 30.42
CA ALA C 350 4.61 6.99 30.15
C ALA C 350 3.21 7.09 29.44
N ASP C 351 2.46 8.09 29.92
CA ASP C 351 1.16 8.43 29.39
C ASP C 351 1.23 8.70 27.89
N ILE C 352 2.26 9.44 27.47
CA ILE C 352 2.42 9.77 26.07
C ILE C 352 2.52 8.58 25.12
N ASN C 353 2.82 7.39 25.65
CA ASN C 353 2.92 6.22 24.78
C ASN C 353 1.77 5.22 24.95
N TYR C 354 0.61 5.68 25.42
CA TYR C 354 -0.53 4.80 25.64
C TYR C 354 -0.90 3.85 24.51
N ASP C 355 -1.06 4.37 23.29
CA ASP C 355 -1.43 3.52 22.16
C ASP C 355 -0.40 2.43 21.86
N GLU C 356 0.87 2.81 21.79
CA GLU C 356 1.93 1.86 21.50
C GLU C 356 2.00 0.79 22.58
N THR C 357 1.97 1.23 23.83
CA THR C 357 2.05 0.31 24.96
C THR C 357 0.85 -0.64 24.94
N LEU C 358 -0.34 -0.09 24.71
CA LEU C 358 -1.55 -0.91 24.65
C LEU C 358 -1.42 -1.93 23.53
N SER C 359 -0.87 -1.50 22.40
CA SER C 359 -0.68 -2.42 21.28
C SER C 359 0.24 -3.56 21.69
N THR C 360 1.32 -3.24 22.40
CA THR C 360 2.25 -4.28 22.84
C THR C 360 1.57 -5.26 23.79
N LEU C 361 0.79 -4.76 24.75
CA LEU C 361 0.11 -5.62 25.71
C LEU C 361 -0.84 -6.59 25.00
N ARG C 362 -1.47 -6.11 23.93
CA ARG C 362 -2.38 -6.93 23.16
C ARG C 362 -1.69 -8.01 22.35
N TYR C 363 -0.52 -7.72 21.79
CA TYR C 363 0.18 -8.75 21.04
C TYR C 363 0.78 -9.76 22.00
N ALA C 364 1.15 -9.28 23.19
CA ALA C 364 1.72 -10.18 24.19
C ALA C 364 0.60 -11.08 24.72
N ASP C 365 -0.62 -10.54 24.76
CA ASP C 365 -1.78 -11.31 25.22
C ASP C 365 -2.09 -12.45 24.25
N ARG C 366 -1.96 -12.18 22.96
CA ARG C 366 -2.23 -13.20 21.96
C ARG C 366 -1.13 -14.26 22.00
N ALA C 367 0.12 -13.81 22.10
CA ALA C 367 1.27 -14.72 22.14
C ALA C 367 1.06 -15.78 23.20
N LYS C 368 0.45 -15.38 24.32
CA LYS C 368 0.17 -16.29 25.43
C LYS C 368 -0.65 -17.49 24.97
N GLN C 369 -1.49 -17.27 23.97
CA GLN C 369 -2.38 -18.31 23.45
C GLN C 369 -1.73 -19.27 22.47
N ILE C 370 -0.50 -18.97 22.06
CA ILE C 370 0.18 -19.85 21.11
C ILE C 370 0.61 -21.14 21.84
N ARG C 371 0.51 -22.28 21.16
CA ARG C 371 0.95 -23.52 21.78
C ARG C 371 1.73 -24.34 20.77
N ASN C 372 2.84 -24.90 21.23
CA ASN C 372 3.69 -25.65 20.33
C ASN C 372 4.01 -27.06 20.81
N THR C 373 4.02 -27.98 19.85
CA THR C 373 4.30 -29.38 20.13
C THR C 373 5.81 -29.54 20.28
N VAL C 374 6.25 -29.84 21.49
CA VAL C 374 7.68 -29.99 21.78
C VAL C 374 8.09 -31.42 22.05
N SER C 375 9.32 -31.75 21.66
CA SER C 375 9.87 -33.07 21.86
C SER C 375 11.38 -32.90 22.07
N VAL C 376 11.94 -33.68 22.98
CA VAL C 376 13.37 -33.60 23.25
C VAL C 376 14.21 -34.20 22.13
N ASN C 377 15.27 -33.49 21.77
CA ASN C 377 16.17 -33.93 20.71
C ASN C 377 17.22 -34.91 21.25
N LEU C 378 16.87 -36.20 21.25
CA LEU C 378 17.78 -37.23 21.73
C LEU C 378 18.06 -38.23 20.62
MG MG D . -2.88 11.84 -8.11
PG GTP E . -2.65 10.06 -4.92
O1G GTP E . -2.64 10.07 -6.43
O2G GTP E . -1.25 10.12 -4.31
O3G GTP E . -3.24 8.77 -4.34
O3B GTP E . -3.60 11.37 -4.54
PB GTP E . -5.15 11.64 -5.04
O1B GTP E . -5.19 12.64 -6.10
O2B GTP E . -5.94 11.89 -3.77
O3A GTP E . -5.65 10.26 -5.49
PA GTP E . -6.84 9.74 -6.29
O1A GTP E . -6.68 8.27 -6.40
O2A GTP E . -7.01 10.47 -7.56
O5' GTP E . -8.11 10.00 -5.28
C5' GTP E . -9.34 9.59 -5.83
C4' GTP E . -10.55 9.78 -4.98
O4' GTP E . -11.11 11.10 -5.18
C3' GTP E . -11.61 8.80 -5.42
O3' GTP E . -12.49 8.54 -4.35
C2' GTP E . -12.28 9.55 -6.56
O2' GTP E . -13.62 9.11 -6.71
C1' GTP E . -12.20 11.03 -6.12
N9 GTP E . -11.93 11.99 -7.21
C8 GTP E . -10.84 12.01 -8.06
N7 GTP E . -10.88 13.00 -8.91
C5 GTP E . -12.04 13.67 -8.63
C6 GTP E . -12.61 14.79 -9.22
O6 GTP E . -12.14 15.44 -10.15
N1 GTP E . -13.83 15.19 -8.63
C2 GTP E . -14.43 14.54 -7.57
N2 GTP E . -15.57 15.02 -7.16
N3 GTP E . -13.92 13.46 -7.00
C4 GTP E . -12.73 13.07 -7.56
PB GDP F . 14.75 -19.76 -24.24
O1B GDP F . 14.93 -18.79 -23.15
O2B GDP F . 14.69 -19.24 -25.53
O3B GDP F . 15.86 -20.95 -24.05
O3A GDP F . 13.33 -20.42 -24.01
PA GDP F . 12.01 -20.48 -25.02
O1A GDP F . 11.48 -19.10 -25.23
O2A GDP F . 12.47 -21.20 -26.28
O5' GDP F . 10.99 -21.26 -24.14
C5' GDP F . 9.90 -22.02 -24.73
C4' GDP F . 8.57 -21.62 -24.29
O4' GDP F . 8.32 -20.23 -24.73
C3' GDP F . 7.37 -22.38 -24.98
O3' GDP F . 6.36 -22.57 -23.93
C2' GDP F . 6.77 -21.48 -26.07
O2' GDP F . 5.36 -21.56 -26.35
C1' GDP F . 7.11 -20.07 -25.59
N9 GDP F . 7.45 -19.12 -26.65
C8 GDP F . 8.75 -19.29 -27.40
N7 GDP F . 8.52 -18.16 -28.21
C5 GDP F . 7.41 -17.44 -28.08
C6 GDP F . 6.68 -16.33 -28.55
O6 GDP F . 7.25 -15.62 -29.54
N1 GDP F . 5.48 -15.94 -28.07
C2 GDP F . 4.87 -16.74 -26.96
N2 GDP F . 3.72 -16.19 -26.67
N3 GDP F . 5.48 -17.76 -26.51
C4 GDP F . 6.69 -18.09 -27.01
O01 TA1 G . -5.38 -5.19 -36.10
C01 TA1 G . -6.27 -4.34 -35.37
C02 TA1 G . -7.36 -5.34 -34.66
O02 TA1 G . -6.49 -6.19 -33.83
C03 TA1 G . -6.30 -7.53 -34.22
O03 TA1 G . -6.83 -8.04 -35.18
C04 TA1 G . -5.43 -8.26 -33.34
C05 TA1 G . -4.42 -9.02 -34.08
C06 TA1 G . -3.48 -9.80 -33.22
C07 TA1 G . -3.57 -9.79 -31.80
C08 TA1 G . -4.48 -9.10 -31.27
C09 TA1 G . -5.46 -8.30 -31.93
C10 TA1 G . -8.49 -4.69 -33.69
C11 TA1 G . -8.72 -5.49 -32.31
O04 TA1 G . -7.50 -5.47 -31.45
C12 TA1 G . -7.04 -4.32 -30.86
O05 TA1 G . -7.53 -3.24 -30.97
C13 TA1 G . -5.81 -4.65 -30.04
C14 TA1 G . -9.08 -7.00 -32.34
O06 TA1 G . -10.30 -6.80 -31.60
C15 TA1 G . -10.05 -5.38 -31.52
C16 TA1 G . -11.21 -4.54 -32.13
C17 TA1 G . -10.79 -3.64 -33.28
O07 TA1 G . -11.96 -2.95 -33.80
C18 TA1 G . -9.99 -4.42 -34.43
C19 TA1 G . -10.76 -5.72 -34.81
C20 TA1 G . -10.02 -3.56 -35.80
O08 TA1 G . -10.61 -4.02 -36.77
C21 TA1 G . -9.33 -2.20 -35.94
O09 TA1 G . -9.55 -1.71 -37.33
C22 TA1 G . -10.34 -0.61 -37.56
O10 TA1 G . -10.90 0.03 -36.73
C23 TA1 G . -10.41 -0.32 -39.04
C24 TA1 G . -7.84 -2.32 -35.60
C25 TA1 G . -7.33 -1.65 -34.49
C26 TA1 G . -5.84 -1.95 -34.13
O11 TA1 G . -5.46 -1.53 -32.78
C27 TA1 G . -4.90 -0.33 -32.64
O12 TA1 G . -4.68 0.47 -33.48
C28 TA1 G . -4.54 -0.08 -31.15
O13 TA1 G . -3.91 1.18 -31.06
C29 TA1 G . -3.62 -1.24 -30.67
N01 TA1 G . -2.53 -1.34 -31.64
C30 TA1 G . -1.85 -2.48 -31.87
O14 TA1 G . -2.08 -3.53 -31.28
C31 TA1 G . -0.81 -2.37 -32.92
C32 TA1 G . 0.29 -1.50 -32.84
C33 TA1 G . 1.24 -1.43 -33.90
C34 TA1 G . 1.08 -2.25 -35.04
C35 TA1 G . 0.00 -3.12 -35.13
C36 TA1 G . -0.95 -3.19 -34.10
C37 TA1 G . -3.17 -1.02 -29.21
C38 TA1 G . -3.94 -1.61 -28.20
C39 TA1 G . -3.59 -1.46 -26.83
C40 TA1 G . -2.45 -0.71 -26.49
C41 TA1 G . -1.67 -0.14 -27.49
C42 TA1 G . -2.03 -0.29 -28.86
C43 TA1 G . -5.54 -3.49 -34.21
C44 TA1 G . -8.11 -0.73 -33.56
C45 TA1 G . -6.91 -3.28 -36.48
C46 TA1 G . -5.78 -2.40 -37.19
C47 TA1 G . -7.52 -4.05 -37.66
MG MG H . 17.20 -2.17 20.95
PG ANP I . 14.94 0.36 20.15
O1G ANP I . 15.38 1.67 19.55
O2G ANP I . 15.97 -0.63 19.86
O3G ANP I . 13.70 -0.08 19.43
PB ANP I . 14.83 -0.77 22.82
O1B ANP I . 16.03 -1.52 22.94
O2B ANP I . 13.71 -0.66 23.76
N3B ANP I . 14.98 0.48 21.79
PA ANP I . 16.92 -0.15 24.77
O1A ANP I . 18.03 0.79 24.48
O2A ANP I . 16.85 -1.00 25.96
O3A ANP I . 15.50 0.16 24.01
O5' ANP I . 16.74 0.96 25.92
C5' ANP I . 15.68 1.87 26.22
C4' ANP I . 16.46 2.98 27.04
O4' ANP I . 16.03 2.95 28.46
C3' ANP I . 17.99 2.84 27.24
O3' ANP I . 18.56 4.13 27.48
C2' ANP I . 18.09 1.85 28.41
O2' ANP I . 19.39 1.93 29.04
C1' ANP I . 16.96 2.30 29.30
N9 ANP I . 16.29 1.18 30.03
C8 ANP I . 15.45 0.23 29.55
N7 ANP I . 15.03 -0.60 30.48
C5 ANP I . 15.62 -0.22 31.63
C6 ANP I . 15.53 -0.74 32.95
N6 ANP I . 14.86 -1.73 33.34
N1 ANP I . 16.32 -0.05 33.85
C2 ANP I . 17.09 1.05 33.51
N3 ANP I . 17.16 1.54 32.30
C4 ANP I . 16.41 0.88 31.38
#